data_3MYJ
#
_entry.id   3MYJ
#
_cell.length_a   50.202
_cell.length_b   62.826
_cell.length_c   74.755
_cell.angle_alpha   81.910
_cell.angle_beta   75.900
_cell.angle_gamma   77.940
#
_symmetry.space_group_name_H-M   'P 1'
#
loop_
_entity.id
_entity.type
_entity.pdbx_description
1 polymer 'HLA class I histocompatibility antigen, A-2 alpha chain'
2 polymer Beta-2-microglobulin
3 polymer 'Wilms tumor protein'
4 non-polymer GLYCEROL
5 water water
#
loop_
_entity_poly.entity_id
_entity_poly.type
_entity_poly.pdbx_seq_one_letter_code
_entity_poly.pdbx_strand_id
1 'polypeptide(L)'
;GSHSMRYFFTSVSRPGRGEPRFIAVGYVDDTQFVRFDSDAASQRMEPRAPWIEQEGPEYWDGETRKVKAHSQTHRVDLGT
LRGYYNQSEAGSHTVQRMYGCDVGSDWRFLRGYHQYAYDGKDYIALKEDLRSWTAADMAAQTTKHKWEAAHVAEQLRAYL
EGTCVEWLRRYLENGKETLQRTDAPKTHMTHHAVSDHEATLRCWALSFYPAEITLTWQRDGEDQTQDTELVETRPAGDGT
FQKWAAVVVPSGQEQRYTCHVQHEGLPKPLTLRWE
;
A,D
2 'polypeptide(L)'
;MIQRTPKIQVYSRHPAENGKSNFLNCYVSGFHPSDIEVDLLKNGERIEKVEHSDLSFSKDWSFYLLYYTEFTPTEKDEYA
CRVNHVTLSQPKIVKWDRDM
;
B,E
3 'polypeptide(L)' YMFPNAPYL C,F
#
loop_
_chem_comp.id
_chem_comp.type
_chem_comp.name
_chem_comp.formula
GOL non-polymer GLYCEROL 'C3 H8 O3'
#
# COMPACT_ATOMS: atom_id res chain seq x y z
N GLY A 1 0.79 6.22 2.31
CA GLY A 1 0.56 7.44 1.49
C GLY A 1 0.46 8.64 2.41
N SER A 2 0.17 9.80 1.85
CA SER A 2 0.18 11.07 2.61
C SER A 2 -1.19 11.40 3.25
N HIS A 3 -1.24 12.18 4.35
CA HIS A 3 -2.53 12.39 5.01
C HIS A 3 -2.72 13.82 5.46
N SER A 4 -3.96 14.20 5.76
CA SER A 4 -4.22 15.50 6.35
C SER A 4 -5.25 15.49 7.48
N MET A 5 -5.20 16.54 8.31
CA MET A 5 -6.26 16.79 9.28
C MET A 5 -6.68 18.23 9.09
N ARG A 6 -7.98 18.48 9.05
CA ARG A 6 -8.48 19.83 8.73
C ARG A 6 -9.71 20.12 9.55
N TYR A 7 -9.83 21.37 9.98
CA TYR A 7 -11.01 21.75 10.68
C TYR A 7 -11.63 22.91 9.93
N PHE A 8 -12.96 22.93 9.85
CA PHE A 8 -13.61 23.92 9.04
C PHE A 8 -14.65 24.58 9.90
N PHE A 9 -14.71 25.90 9.87
CA PHE A 9 -15.63 26.58 10.75
C PHE A 9 -16.42 27.65 10.02
N THR A 10 -17.74 27.61 10.20
CA THR A 10 -18.63 28.58 9.58
C THR A 10 -19.40 29.33 10.66
N SER A 11 -19.32 30.67 10.62
CA SER A 11 -20.13 31.48 11.49
C SER A 11 -20.97 32.46 10.69
N VAL A 12 -22.31 32.39 10.84
CA VAL A 12 -23.24 33.23 10.06
C VAL A 12 -24.16 34.11 10.96
N SER A 13 -24.10 35.43 10.83
CA SER A 13 -25.04 36.29 11.58
C SER A 13 -26.43 36.20 11.05
N ARG A 14 -27.38 36.33 11.97
CA ARG A 14 -28.79 36.12 11.71
C ARG A 14 -29.55 37.26 12.37
N PRO A 15 -29.38 38.50 11.89
CA PRO A 15 -29.92 39.71 12.60
C PRO A 15 -31.41 39.66 12.88
N GLY A 16 -31.80 39.88 14.14
CA GLY A 16 -33.19 39.72 14.55
C GLY A 16 -33.74 38.29 14.68
N ARG A 17 -32.88 37.29 14.51
CA ARG A 17 -33.28 35.89 14.64
C ARG A 17 -32.39 35.23 15.71
N GLY A 18 -31.88 36.04 16.65
CA GLY A 18 -31.00 35.56 17.72
C GLY A 18 -29.53 35.38 17.36
N GLU A 19 -28.86 34.48 18.10
CA GLU A 19 -27.45 34.12 17.96
C GLU A 19 -27.03 33.82 16.52
N PRO A 20 -25.78 34.14 16.16
CA PRO A 20 -25.20 33.60 14.94
C PRO A 20 -25.14 32.08 14.92
N ARG A 21 -25.21 31.50 13.73
CA ARG A 21 -25.15 30.06 13.56
C ARG A 21 -23.66 29.75 13.58
N PHE A 22 -23.27 28.68 14.25
CA PHE A 22 -21.86 28.27 14.23
C PHE A 22 -21.82 26.76 14.02
N ILE A 23 -21.13 26.35 12.96
CA ILE A 23 -20.91 24.95 12.55
C ILE A 23 -19.43 24.68 12.45
N ALA A 24 -18.98 23.66 13.18
CA ALA A 24 -17.58 23.22 13.13
C ALA A 24 -17.57 21.77 12.66
N VAL A 25 -16.67 21.45 11.76
CA VAL A 25 -16.51 20.07 11.29
C VAL A 25 -15.02 19.78 11.22
N GLY A 26 -14.70 18.55 11.57
CA GLY A 26 -13.31 18.10 11.47
C GLY A 26 -13.18 16.89 10.56
N TYR A 27 -12.07 16.81 9.83
CA TYR A 27 -11.83 15.74 8.86
C TYR A 27 -10.44 15.13 9.04
N VAL A 28 -10.30 13.83 8.83
CA VAL A 28 -8.97 13.24 8.47
C VAL A 28 -9.07 12.78 7.00
N ASP A 29 -8.26 13.35 6.10
CA ASP A 29 -8.36 13.10 4.64
C ASP A 29 -9.80 13.40 4.23
N ASP A 30 -10.48 12.45 3.64
CA ASP A 30 -11.87 12.70 3.19
C ASP A 30 -12.91 12.17 4.15
N THR A 31 -12.50 11.87 5.38
CA THR A 31 -13.40 11.26 6.34
C THR A 31 -13.78 12.28 7.45
N GLN A 32 -15.05 12.67 7.54
CA GLN A 32 -15.44 13.60 8.64
C GLN A 32 -15.41 12.84 9.95
N PHE A 33 -14.91 13.41 11.06
CA PHE A 33 -14.95 12.59 12.28
C PHE A 33 -15.57 13.33 13.45
N VAL A 34 -15.75 14.64 13.37
CA VAL A 34 -16.43 15.36 14.45
C VAL A 34 -17.26 16.54 13.91
N ARG A 35 -18.19 17.01 14.75
CA ARG A 35 -19.00 18.16 14.40
C ARG A 35 -19.46 18.90 15.64
N PHE A 36 -19.82 20.16 15.44
CA PHE A 36 -20.47 20.93 16.47
C PHE A 36 -21.44 21.81 15.72
N ASP A 37 -22.67 21.85 16.23
CA ASP A 37 -23.63 22.81 15.70
C ASP A 37 -24.28 23.54 16.84
N SER A 38 -24.12 24.87 16.80
CA SER A 38 -24.65 25.78 17.84
C SER A 38 -26.15 25.66 17.97
N ASP A 39 -26.83 25.29 16.91
CA ASP A 39 -28.28 25.25 16.97
C ASP A 39 -28.80 23.94 17.55
N ALA A 40 -27.94 22.94 17.64
CA ALA A 40 -28.37 21.58 18.01
C ALA A 40 -28.48 21.52 19.52
N ALA A 41 -29.16 20.48 20.02
CA ALA A 41 -29.48 20.43 21.44
C ALA A 41 -28.29 20.07 22.36
N SER A 42 -27.40 19.17 21.91
CA SER A 42 -26.40 18.65 22.86
C SER A 42 -25.43 19.71 23.36
N GLN A 43 -25.06 20.66 22.50
CA GLN A 43 -24.05 21.70 22.81
C GLN A 43 -22.69 21.00 23.10
N ARG A 44 -22.38 19.97 22.34
CA ARG A 44 -21.16 19.17 22.58
C ARG A 44 -20.53 18.99 21.26
N MET A 45 -19.19 18.92 21.23
CA MET A 45 -18.55 18.26 20.12
C MET A 45 -19.05 16.82 20.03
N GLU A 46 -19.39 16.32 18.81
CA GLU A 46 -20.02 15.01 18.66
C GLU A 46 -19.24 14.17 17.65
N PRO A 47 -19.13 12.84 17.82
CA PRO A 47 -18.41 12.01 16.87
C PRO A 47 -19.20 11.81 15.56
N ARG A 48 -18.48 11.58 14.46
CA ARG A 48 -19.14 11.32 13.14
C ARG A 48 -18.43 10.22 12.39
N ALA A 49 -17.49 9.55 13.05
CA ALA A 49 -16.82 8.36 12.46
C ALA A 49 -16.67 7.34 13.58
N PRO A 50 -16.64 6.03 13.26
CA PRO A 50 -16.77 5.19 14.47
C PRO A 50 -15.47 5.06 15.28
N TRP A 51 -14.30 5.22 14.66
CA TRP A 51 -13.04 5.20 15.42
C TRP A 51 -12.86 6.28 16.52
N ILE A 52 -13.41 7.46 16.34
CA ILE A 52 -13.29 8.49 17.39
C ILE A 52 -14.27 8.30 18.57
N GLU A 53 -15.28 7.44 18.42
CA GLU A 53 -16.17 7.17 19.51
C GLU A 53 -15.46 6.49 20.70
N GLN A 54 -14.32 5.84 20.43
CA GLN A 54 -13.47 5.22 21.49
C GLN A 54 -12.73 6.19 22.41
N GLU A 55 -12.59 7.47 22.02
CA GLU A 55 -11.71 8.41 22.73
C GLU A 55 -11.96 8.70 24.22
N GLY A 56 -13.20 8.82 24.65
CA GLY A 56 -13.37 8.95 26.14
C GLY A 56 -13.66 10.38 26.59
N PRO A 57 -14.26 10.53 27.80
CA PRO A 57 -14.81 11.82 28.27
C PRO A 57 -13.78 12.94 28.29
N GLU A 58 -12.52 12.72 28.74
CA GLU A 58 -11.52 13.82 28.65
CA GLU A 58 -11.49 13.78 28.65
C GLU A 58 -11.42 14.41 27.27
N TYR A 59 -11.16 13.59 26.23
CA TYR A 59 -11.22 14.08 24.91
C TYR A 59 -12.48 14.90 24.57
N TRP A 60 -13.63 14.30 24.75
CA TRP A 60 -14.92 14.94 24.38
C TRP A 60 -15.21 16.20 25.12
N ASP A 61 -14.90 16.22 26.44
CA ASP A 61 -15.06 17.45 27.18
C ASP A 61 -14.06 18.54 26.68
N GLY A 62 -12.81 18.18 26.36
CA GLY A 62 -11.85 19.24 26.00
C GLY A 62 -12.16 19.79 24.59
N GLU A 63 -12.61 18.94 23.68
CA GLU A 63 -12.98 19.41 22.35
C GLU A 63 -14.29 20.28 22.44
N THR A 64 -15.23 19.90 23.32
CA THR A 64 -16.43 20.70 23.57
C THR A 64 -16.05 22.09 24.13
N ARG A 65 -15.14 22.11 25.10
CA ARG A 65 -14.70 23.36 25.70
C ARG A 65 -14.10 24.31 24.61
N LYS A 66 -13.28 23.76 23.74
CA LYS A 66 -12.61 24.59 22.73
C LYS A 66 -13.58 25.10 21.67
N VAL A 67 -14.53 24.24 21.31
CA VAL A 67 -15.44 24.60 20.20
C VAL A 67 -16.48 25.63 20.67
N LYS A 68 -16.87 25.54 21.94
CA LYS A 68 -17.74 26.54 22.55
C LYS A 68 -17.08 27.90 22.62
N ALA A 69 -15.80 27.94 23.01
CA ALA A 69 -15.03 29.19 23.02
C ALA A 69 -14.98 29.83 21.62
N HIS A 70 -14.70 29.02 20.60
CA HIS A 70 -14.65 29.46 19.23
C HIS A 70 -15.98 30.07 18.81
N SER A 71 -17.09 29.39 19.11
CA SER A 71 -18.43 29.92 18.79
C SER A 71 -18.58 31.36 19.32
N GLN A 72 -18.19 31.58 20.60
CA GLN A 72 -18.20 32.90 21.23
C GLN A 72 -17.21 33.90 20.62
N THR A 73 -16.01 33.45 20.23
CA THR A 73 -15.04 34.33 19.56
C THR A 73 -15.62 34.85 18.23
N HIS A 74 -16.21 33.92 17.48
CA HIS A 74 -16.73 34.24 16.16
C HIS A 74 -17.97 35.12 16.23
N ARG A 75 -18.67 35.10 17.37
CA ARG A 75 -19.70 36.09 17.64
C ARG A 75 -19.15 37.51 17.72
N VAL A 76 -18.02 37.69 18.40
CA VAL A 76 -17.37 39.00 18.49
C VAL A 76 -16.81 39.46 17.13
N ASP A 77 -16.17 38.50 16.46
CA ASP A 77 -15.63 38.64 15.11
C ASP A 77 -16.67 39.18 14.12
N LEU A 78 -17.89 38.61 14.13
CA LEU A 78 -18.95 39.13 13.26
C LEU A 78 -19.22 40.64 13.48
N GLY A 79 -19.28 41.08 14.76
CA GLY A 79 -19.38 42.49 15.08
C GLY A 79 -18.15 43.30 14.73
N THR A 80 -16.97 42.74 14.94
CA THR A 80 -15.71 43.43 14.60
C THR A 80 -15.61 43.76 13.10
N LEU A 81 -15.86 42.75 12.26
CA LEU A 81 -15.82 42.94 10.79
C LEU A 81 -16.88 43.91 10.26
N ARG A 82 -18.05 43.92 10.90
CA ARG A 82 -19.12 44.84 10.58
C ARG A 82 -18.66 46.28 10.79
N GLY A 83 -17.96 46.51 11.90
CA GLY A 83 -17.24 47.73 12.15
C GLY A 83 -16.16 48.02 11.12
N TYR A 84 -15.29 47.05 10.82
CA TYR A 84 -14.20 47.24 9.82
C TYR A 84 -14.70 47.66 8.41
N TYR A 85 -15.83 47.11 7.99
CA TYR A 85 -16.32 47.43 6.66
C TYR A 85 -17.48 48.42 6.59
N ASN A 86 -17.82 49.02 7.75
CA ASN A 86 -18.93 49.97 7.92
C ASN A 86 -20.27 49.42 7.40
N GLN A 87 -20.64 48.23 7.87
CA GLN A 87 -21.82 47.54 7.34
C GLN A 87 -22.96 47.71 8.30
N SER A 88 -24.20 47.63 7.81
CA SER A 88 -25.34 47.82 8.73
C SER A 88 -25.59 46.58 9.60
N GLU A 89 -26.34 46.75 10.68
CA GLU A 89 -26.74 45.62 11.53
C GLU A 89 -27.79 44.73 10.88
N ALA A 90 -28.47 45.22 9.84
CA ALA A 90 -29.48 44.50 9.06
C ALA A 90 -29.04 43.24 8.33
N GLY A 91 -27.84 43.25 7.73
CA GLY A 91 -27.42 42.16 6.86
C GLY A 91 -26.81 40.98 7.57
N SER A 92 -27.02 39.80 6.98
CA SER A 92 -26.36 38.57 7.40
C SER A 92 -24.99 38.51 6.73
N HIS A 93 -23.96 38.11 7.48
CA HIS A 93 -22.61 37.97 6.97
C HIS A 93 -22.02 36.67 7.42
N THR A 94 -20.93 36.25 6.74
CA THR A 94 -20.34 34.92 6.93
C THR A 94 -18.83 35.06 7.23
N VAL A 95 -18.37 34.42 8.31
CA VAL A 95 -16.94 34.27 8.59
C VAL A 95 -16.65 32.77 8.43
N GLN A 96 -15.60 32.43 7.68
CA GLN A 96 -15.19 31.05 7.62
C GLN A 96 -13.76 30.95 8.09
N ARG A 97 -13.43 29.81 8.66
CA ARG A 97 -12.06 29.63 9.10
C ARG A 97 -11.68 28.20 8.80
N MET A 98 -10.47 27.96 8.35
CA MET A 98 -10.01 26.57 8.10
C MET A 98 -8.60 26.49 8.61
N TYR A 99 -8.23 25.38 9.25
CA TYR A 99 -6.81 25.19 9.49
C TYR A 99 -6.53 23.72 9.45
N GLY A 100 -5.26 23.42 9.33
CA GLY A 100 -4.87 22.03 9.52
C GLY A 100 -3.48 21.71 9.01
N CYS A 101 -3.13 20.43 9.02
CA CYS A 101 -1.75 20.09 8.72
C CYS A 101 -1.73 18.95 7.77
N ASP A 102 -0.66 18.83 7.00
CA ASP A 102 -0.49 17.71 6.04
C ASP A 102 0.79 16.95 6.42
N VAL A 103 0.79 15.60 6.39
CA VAL A 103 2.04 14.83 6.52
C VAL A 103 2.29 14.08 5.22
N GLY A 104 3.55 13.79 4.90
CA GLY A 104 3.88 13.13 3.61
C GLY A 104 3.73 11.64 3.89
N SER A 105 4.16 10.85 2.92
CA SER A 105 4.10 9.42 3.06
C SER A 105 5.06 8.87 4.12
N ASP A 106 6.03 9.67 4.54
CA ASP A 106 6.85 9.34 5.75
C ASP A 106 6.15 9.65 7.07
N TRP A 107 4.93 10.18 6.99
CA TRP A 107 4.17 10.68 8.18
C TRP A 107 4.80 11.82 8.96
N ARG A 108 5.75 12.55 8.35
CA ARG A 108 6.33 13.71 8.96
C ARG A 108 5.63 14.96 8.48
N PHE A 109 5.59 15.97 9.36
CA PHE A 109 5.05 17.29 8.98
C PHE A 109 5.49 17.73 7.58
N LEU A 110 4.50 18.12 6.76
CA LEU A 110 4.76 18.58 5.40
C LEU A 110 4.34 20.01 5.22
N ARG A 111 3.14 20.36 5.62
CA ARG A 111 2.58 21.68 5.34
C ARG A 111 1.55 22.02 6.42
N GLY A 112 1.36 23.29 6.74
CA GLY A 112 0.32 23.68 7.71
C GLY A 112 -0.42 24.87 7.16
N TYR A 113 -1.66 25.09 7.60
CA TYR A 113 -2.53 26.17 7.03
C TYR A 113 -3.35 26.71 8.16
N HIS A 114 -3.75 27.99 8.04
CA HIS A 114 -4.68 28.61 8.96
C HIS A 114 -5.16 29.92 8.28
N GLN A 115 -6.41 29.90 7.82
CA GLN A 115 -6.90 31.00 7.00
C GLN A 115 -8.38 31.29 7.23
N TYR A 116 -8.79 32.47 6.80
CA TYR A 116 -10.12 32.95 7.00
C TYR A 116 -10.67 33.62 5.75
N ALA A 117 -12.00 33.56 5.61
CA ALA A 117 -12.73 34.32 4.63
C ALA A 117 -13.86 35.11 5.27
N TYR A 118 -14.15 36.28 4.73
CA TYR A 118 -15.30 37.07 5.11
C TYR A 118 -16.21 37.21 3.90
N ASP A 119 -17.47 36.74 3.99
CA ASP A 119 -18.44 36.81 2.88
C ASP A 119 -17.96 36.17 1.58
N GLY A 120 -17.29 35.03 1.69
CA GLY A 120 -16.86 34.31 0.52
C GLY A 120 -15.53 34.66 -0.10
N LYS A 121 -14.90 35.70 0.41
CA LYS A 121 -13.58 36.08 -0.10
C LYS A 121 -12.46 35.95 0.94
N ASP A 122 -11.29 35.54 0.46
CA ASP A 122 -10.02 35.57 1.24
C ASP A 122 -9.93 36.80 2.09
N TYR A 123 -9.67 36.58 3.36
CA TYR A 123 -9.58 37.69 4.31
C TYR A 123 -8.13 37.69 4.81
N ILE A 124 -7.73 36.66 5.53
CA ILE A 124 -6.32 36.56 5.95
C ILE A 124 -5.88 35.09 5.96
N ALA A 125 -4.60 34.84 5.64
CA ALA A 125 -4.06 33.50 5.56
C ALA A 125 -2.65 33.45 6.11
N LEU A 126 -2.37 32.42 6.88
CA LEU A 126 -0.98 32.11 7.24
C LEU A 126 -0.24 31.61 6.00
N LYS A 127 0.93 32.18 5.72
CA LYS A 127 1.71 31.74 4.59
C LYS A 127 2.42 30.47 4.96
N GLU A 128 2.93 29.80 3.94
CA GLU A 128 3.56 28.50 4.06
C GLU A 128 4.71 28.39 5.08
N ASP A 129 5.50 29.47 5.21
CA ASP A 129 6.55 29.53 6.24
C ASP A 129 6.08 29.53 7.72
N LEU A 130 4.76 29.59 7.95
CA LEU A 130 4.15 29.65 9.29
C LEU A 130 4.65 30.79 10.16
N ARG A 131 5.13 31.85 9.50
CA ARG A 131 5.71 32.97 10.20
C ARG A 131 5.02 34.31 9.91
N SER A 132 4.36 34.44 8.76
CA SER A 132 3.83 35.74 8.36
C SER A 132 2.46 35.58 7.70
N TRP A 133 1.78 36.69 7.43
CA TRP A 133 0.34 36.66 7.04
C TRP A 133 0.13 37.32 5.68
N THR A 134 -0.88 36.82 4.97
CA THR A 134 -1.30 37.44 3.72
C THR A 134 -2.65 38.10 4.00
N ALA A 135 -2.71 39.43 3.88
CA ALA A 135 -3.94 40.14 4.17
C ALA A 135 -4.51 40.73 2.88
N ALA A 136 -5.78 40.38 2.60
CA ALA A 136 -6.46 40.79 1.36
C ALA A 136 -6.57 42.32 1.23
N ASP A 137 -7.27 42.95 2.17
CA ASP A 137 -7.63 44.37 2.03
C ASP A 137 -7.13 45.15 3.23
N MET A 138 -7.66 46.37 3.41
CA MET A 138 -7.31 47.25 4.52
C MET A 138 -7.82 46.73 5.88
N ALA A 139 -9.04 46.21 5.91
CA ALA A 139 -9.55 45.55 7.15
C ALA A 139 -8.68 44.40 7.64
N ALA A 140 -8.25 43.56 6.71
CA ALA A 140 -7.46 42.39 7.07
C ALA A 140 -6.05 42.75 7.56
N GLN A 141 -5.55 43.93 7.17
CA GLN A 141 -4.27 44.40 7.70
C GLN A 141 -4.38 44.79 9.15
N THR A 142 -5.54 45.33 9.57
CA THR A 142 -5.78 45.62 10.97
C THR A 142 -5.72 44.31 11.76
N THR A 143 -6.36 43.26 11.25
CA THR A 143 -6.29 41.96 11.87
C THR A 143 -4.84 41.45 11.88
N LYS A 144 -4.19 41.57 10.72
CA LYS A 144 -2.79 41.19 10.59
C LYS A 144 -1.91 41.84 11.66
N HIS A 145 -2.06 43.15 11.86
CA HIS A 145 -1.25 43.87 12.86
C HIS A 145 -1.51 43.38 14.29
N LYS A 146 -2.77 43.05 14.56
CA LYS A 146 -3.21 42.51 15.85
C LYS A 146 -2.52 41.20 16.12
N TRP A 147 -2.49 40.35 15.10
CA TRP A 147 -1.97 39.03 15.23
C TRP A 147 -0.45 39.03 15.27
N GLU A 148 0.16 40.04 14.66
CA GLU A 148 1.61 40.22 14.71
C GLU A 148 2.05 40.55 16.11
N ALA A 149 1.39 41.54 16.74
CA ALA A 149 1.63 41.92 18.13
C ALA A 149 1.38 40.80 19.16
N ALA A 150 0.31 40.05 19.00
CA ALA A 150 -0.04 38.90 19.85
C ALA A 150 0.71 37.57 19.51
N HIS A 151 1.65 37.60 18.55
CA HIS A 151 2.44 36.42 18.14
C HIS A 151 1.61 35.18 17.84
N VAL A 152 0.53 35.40 17.10
CA VAL A 152 -0.38 34.34 16.75
C VAL A 152 0.29 33.32 15.80
N ALA A 153 1.17 33.78 14.90
CA ALA A 153 1.86 32.85 13.97
C ALA A 153 2.71 31.85 14.74
N GLU A 154 3.40 32.33 15.79
CA GLU A 154 4.28 31.47 16.61
C GLU A 154 3.50 30.36 17.31
N GLN A 155 2.36 30.70 17.89
CA GLN A 155 1.49 29.70 18.55
C GLN A 155 0.96 28.68 17.56
N LEU A 156 0.49 29.16 16.41
CA LEU A 156 0.07 28.30 15.34
C LEU A 156 1.16 27.41 14.77
N ARG A 157 2.37 27.94 14.56
CA ARG A 157 3.43 27.12 14.01
C ARG A 157 3.69 25.94 14.92
N ALA A 158 3.70 26.16 16.24
CA ALA A 158 3.98 25.10 17.23
C ALA A 158 2.91 24.04 17.23
N TYR A 159 1.66 24.48 17.15
CA TYR A 159 0.55 23.52 17.00
C TYR A 159 0.66 22.72 15.69
N LEU A 160 0.80 23.42 14.57
CA LEU A 160 0.74 22.77 13.25
C LEU A 160 1.90 21.78 13.00
N GLU A 161 3.09 22.09 13.52
CA GLU A 161 4.24 21.21 13.39
C GLU A 161 4.34 20.15 14.50
N GLY A 162 3.68 20.36 15.64
CA GLY A 162 3.78 19.43 16.81
C GLY A 162 2.42 18.77 17.01
N THR A 163 1.63 19.31 17.95
CA THR A 163 0.30 18.78 18.26
C THR A 163 -0.54 18.30 17.06
N CYS A 164 -0.68 19.14 16.05
CA CYS A 164 -1.55 18.79 14.93
C CYS A 164 -1.13 17.44 14.30
N VAL A 165 0.14 17.29 13.99
CA VAL A 165 0.56 16.09 13.34
C VAL A 165 0.67 14.93 14.31
N GLU A 166 0.85 15.19 15.63
CA GLU A 166 0.89 14.08 16.57
C GLU A 166 -0.51 13.47 16.67
N TRP A 167 -1.53 14.31 16.71
CA TRP A 167 -2.89 13.77 16.81
C TRP A 167 -3.34 13.15 15.46
N LEU A 168 -2.93 13.73 14.36
CA LEU A 168 -3.14 13.04 13.04
C LEU A 168 -2.60 11.60 13.02
N ARG A 169 -1.35 11.43 13.40
CA ARG A 169 -0.78 10.10 13.50
C ARG A 169 -1.53 9.21 14.47
N ARG A 170 -1.98 9.73 15.62
CA ARG A 170 -2.78 8.95 16.53
C ARG A 170 -4.11 8.52 15.92
N TYR A 171 -4.79 9.44 15.26
CA TYR A 171 -6.04 9.11 14.56
C TYR A 171 -5.84 8.03 13.49
N LEU A 172 -4.75 8.17 12.72
CA LEU A 172 -4.44 7.23 11.59
C LEU A 172 -4.22 5.82 12.15
N GLU A 173 -3.55 5.69 13.31
CA GLU A 173 -3.36 4.39 13.90
C GLU A 173 -4.65 3.84 14.58
N ASN A 174 -5.36 4.67 15.33
CA ASN A 174 -6.57 4.25 16.05
C ASN A 174 -7.70 3.97 15.07
N GLY A 175 -7.74 4.75 14.00
CA GLY A 175 -8.70 4.51 12.98
C GLY A 175 -8.17 3.87 11.73
N LYS A 176 -7.10 3.08 11.86
CA LYS A 176 -6.48 2.37 10.72
C LYS A 176 -7.44 1.72 9.70
N GLU A 177 -8.39 0.91 10.20
CA GLU A 177 -9.43 0.27 9.36
CA GLU A 177 -9.33 0.25 9.32
C GLU A 177 -10.19 1.21 8.46
N THR A 178 -10.60 2.38 8.98
CA THR A 178 -11.36 3.39 8.21
C THR A 178 -10.40 4.35 7.47
N LEU A 179 -9.31 4.75 8.10
CA LEU A 179 -8.47 5.85 7.55
C LEU A 179 -7.29 5.39 6.73
N GLN A 180 -6.75 4.20 7.00
CA GLN A 180 -5.67 3.71 6.13
C GLN A 180 -6.17 2.78 5.03
N ARG A 181 -7.49 2.70 4.81
CA ARG A 181 -8.07 1.86 3.76
C ARG A 181 -8.04 2.57 2.41
N THR A 182 -8.02 1.81 1.33
CA THR A 182 -8.43 2.40 0.04
C THR A 182 -9.56 1.53 -0.47
N ASP A 183 -10.63 2.15 -0.99
CA ASP A 183 -11.63 1.37 -1.72
C ASP A 183 -11.43 1.68 -3.19
N ALA A 184 -11.07 0.67 -3.97
CA ALA A 184 -10.93 0.85 -5.42
C ALA A 184 -12.26 1.15 -6.08
N PRO A 185 -12.24 1.98 -7.15
CA PRO A 185 -13.53 2.16 -7.82
C PRO A 185 -14.08 0.95 -8.46
N LYS A 186 -15.39 0.77 -8.25
CA LYS A 186 -16.08 -0.22 -9.01
C LYS A 186 -16.52 0.46 -10.30
N THR A 187 -16.18 -0.10 -11.47
CA THR A 187 -16.41 0.64 -12.70
C THR A 187 -17.38 -0.03 -13.65
N HIS A 188 -18.03 0.76 -14.52
CA HIS A 188 -18.87 0.22 -15.60
C HIS A 188 -19.18 1.32 -16.59
N MET A 189 -19.66 0.93 -17.76
CA MET A 189 -20.01 1.91 -18.75
C MET A 189 -21.46 1.73 -19.03
N THR A 190 -22.15 2.81 -19.41
CA THR A 190 -23.50 2.66 -20.01
C THR A 190 -23.50 3.31 -21.40
N HIS A 191 -24.46 2.94 -22.23
CA HIS A 191 -24.52 3.42 -23.60
C HIS A 191 -25.98 3.75 -23.86
N HIS A 192 -26.24 5.00 -24.20
CA HIS A 192 -27.61 5.45 -24.48
C HIS A 192 -27.68 6.20 -25.82
N ALA A 193 -28.58 5.79 -26.69
CA ALA A 193 -28.74 6.43 -27.99
C ALA A 193 -29.36 7.82 -27.86
N VAL A 194 -28.58 8.85 -28.19
CA VAL A 194 -29.03 10.24 -28.29
C VAL A 194 -30.11 10.37 -29.35
N SER A 195 -29.78 9.89 -30.56
CA SER A 195 -30.59 9.95 -31.77
C SER A 195 -30.08 8.81 -32.66
N ASP A 196 -30.31 8.91 -33.96
CA ASP A 196 -29.86 7.88 -34.90
C ASP A 196 -28.35 7.86 -35.25
N HIS A 197 -27.63 8.96 -35.04
CA HIS A 197 -26.23 9.00 -35.53
C HIS A 197 -25.15 9.15 -34.46
N GLU A 198 -25.57 9.14 -33.21
CA GLU A 198 -24.62 9.27 -32.09
C GLU A 198 -25.20 8.71 -30.80
N ALA A 199 -24.32 8.49 -29.82
CA ALA A 199 -24.72 7.89 -28.56
C ALA A 199 -23.83 8.40 -27.44
N THR A 200 -24.33 8.48 -26.22
CA THR A 200 -23.52 8.93 -25.11
C THR A 200 -22.86 7.69 -24.49
N LEU A 201 -21.53 7.71 -24.31
CA LEU A 201 -20.91 6.59 -23.60
C LEU A 201 -20.59 7.20 -22.27
N ARG A 202 -21.00 6.57 -21.18
CA ARG A 202 -20.72 7.16 -19.86
C ARG A 202 -19.87 6.22 -18.99
N CYS A 203 -18.71 6.69 -18.48
CA CYS A 203 -17.78 5.82 -17.76
C CYS A 203 -17.97 6.13 -16.27
N TRP A 204 -18.30 5.13 -15.44
CA TRP A 204 -18.65 5.39 -14.04
C TRP A 204 -17.58 4.84 -13.11
N ALA A 205 -17.45 5.48 -11.95
CA ALA A 205 -16.57 5.05 -10.88
C ALA A 205 -17.31 5.25 -9.61
N LEU A 206 -17.51 4.14 -8.92
CA LEU A 206 -18.35 4.11 -7.77
C LEU A 206 -17.64 3.46 -6.58
N SER A 207 -18.10 3.85 -5.39
CA SER A 207 -17.68 3.31 -4.13
CA SER A 207 -17.69 3.26 -4.14
C SER A 207 -16.19 3.37 -3.91
N PHE A 208 -15.61 4.46 -4.31
CA PHE A 208 -14.17 4.64 -4.08
C PHE A 208 -13.83 5.51 -2.87
N TYR A 209 -12.60 5.38 -2.38
CA TYR A 209 -12.13 6.11 -1.22
C TYR A 209 -10.61 6.02 -1.31
N PRO A 210 -9.94 7.15 -1.24
CA PRO A 210 -10.41 8.50 -1.08
C PRO A 210 -10.97 9.09 -2.34
N ALA A 211 -11.32 10.37 -2.22
CA ALA A 211 -12.08 11.10 -3.24
C ALA A 211 -11.24 11.36 -4.47
N GLU A 212 -9.92 11.60 -4.31
CA GLU A 212 -9.05 11.81 -5.44
C GLU A 212 -9.07 10.70 -6.51
N ILE A 213 -9.38 11.09 -7.75
CA ILE A 213 -9.47 10.16 -8.88
C ILE A 213 -9.30 10.93 -10.18
N THR A 214 -8.74 10.27 -11.20
CA THR A 214 -8.76 10.81 -12.55
C THR A 214 -9.49 9.88 -13.46
N LEU A 215 -10.45 10.47 -14.16
CA LEU A 215 -11.33 9.78 -15.00
C LEU A 215 -11.36 10.51 -16.33
N THR A 216 -10.84 9.89 -17.39
CA THR A 216 -10.71 10.59 -18.66
C THR A 216 -11.07 9.70 -19.83
N TRP A 217 -11.46 10.30 -20.92
CA TRP A 217 -11.70 9.59 -22.18
C TRP A 217 -10.62 9.88 -23.19
N GLN A 218 -10.24 8.86 -23.95
CA GLN A 218 -9.44 9.09 -25.15
C GLN A 218 -10.13 8.56 -26.39
N ARG A 219 -9.84 9.18 -27.52
CA ARG A 219 -10.28 8.71 -28.83
C ARG A 219 -9.02 8.45 -29.63
N ASP A 220 -8.75 7.17 -29.89
CA ASP A 220 -7.50 6.72 -30.57
C ASP A 220 -6.27 7.11 -29.77
N GLY A 221 -6.38 7.11 -28.45
CA GLY A 221 -5.31 7.55 -27.58
C GLY A 221 -5.08 9.06 -27.46
N GLU A 222 -5.89 9.90 -28.11
CA GLU A 222 -5.81 11.40 -27.98
C GLU A 222 -6.76 11.85 -26.91
N ASP A 223 -6.30 12.67 -25.96
CA ASP A 223 -7.18 13.08 -24.84
C ASP A 223 -8.33 13.94 -25.33
N GLN A 224 -9.52 13.61 -24.87
CA GLN A 224 -10.74 14.29 -25.22
C GLN A 224 -11.22 15.32 -24.17
N THR A 225 -10.31 16.14 -23.60
CA THR A 225 -10.65 16.93 -22.35
C THR A 225 -11.80 17.90 -22.66
N GLN A 226 -11.66 18.55 -23.80
CA GLN A 226 -12.62 19.50 -24.33
C GLN A 226 -14.02 18.97 -24.64
N ASP A 227 -14.11 17.68 -24.89
CA ASP A 227 -15.31 17.09 -25.42
C ASP A 227 -15.89 16.05 -24.48
N THR A 228 -15.53 16.14 -23.21
CA THR A 228 -15.97 15.18 -22.21
C THR A 228 -16.81 15.99 -21.24
N GLU A 229 -17.98 15.46 -20.87
CA GLU A 229 -18.78 15.96 -19.76
CA GLU A 229 -18.71 16.04 -19.73
C GLU A 229 -18.28 15.28 -18.47
N LEU A 230 -17.82 16.04 -17.50
CA LEU A 230 -17.22 15.44 -16.31
C LEU A 230 -17.93 16.04 -15.09
N VAL A 231 -18.55 15.22 -14.22
CA VAL A 231 -19.25 15.80 -13.08
C VAL A 231 -18.26 15.87 -11.95
N GLU A 232 -18.54 16.77 -11.04
CA GLU A 232 -17.80 16.86 -9.79
C GLU A 232 -17.89 15.52 -9.03
N THR A 233 -16.79 15.12 -8.40
CA THR A 233 -16.83 13.92 -7.47
C THR A 233 -17.81 14.19 -6.32
N ARG A 234 -18.66 13.19 -6.00
CA ARG A 234 -19.82 13.42 -5.16
C ARG A 234 -19.85 12.31 -4.14
N PRO A 235 -20.28 12.63 -2.93
CA PRO A 235 -20.32 11.62 -1.92
C PRO A 235 -21.55 10.71 -2.06
N ALA A 236 -21.34 9.45 -1.80
CA ALA A 236 -22.44 8.46 -1.76
C ALA A 236 -23.23 8.48 -0.51
N GLY A 237 -22.68 9.01 0.56
CA GLY A 237 -23.35 9.09 1.84
C GLY A 237 -22.85 8.02 2.81
N ASP A 238 -22.17 7.01 2.29
CA ASP A 238 -21.66 5.98 3.19
C ASP A 238 -20.15 6.04 3.40
N GLY A 239 -19.52 7.20 3.10
CA GLY A 239 -18.06 7.38 3.19
C GLY A 239 -17.28 7.08 1.92
N THR A 240 -17.99 6.67 0.86
CA THR A 240 -17.37 6.52 -0.43
C THR A 240 -17.84 7.62 -1.41
N PHE A 241 -17.31 7.59 -2.64
CA PHE A 241 -17.40 8.72 -3.55
C PHE A 241 -17.70 8.11 -4.95
N GLN A 242 -18.20 8.93 -5.88
CA GLN A 242 -18.75 8.48 -7.18
C GLN A 242 -18.30 9.53 -8.18
N LYS A 243 -18.12 9.19 -9.48
CA LYS A 243 -17.78 10.19 -10.40
C LYS A 243 -18.16 9.56 -11.73
N TRP A 244 -18.61 10.36 -12.66
CA TRP A 244 -18.67 9.82 -14.06
C TRP A 244 -18.08 10.77 -15.07
N ALA A 245 -17.78 10.23 -16.28
CA ALA A 245 -17.22 10.98 -17.35
C ALA A 245 -17.90 10.46 -18.63
N ALA A 246 -18.49 11.36 -19.43
CA ALA A 246 -19.17 10.93 -20.67
C ALA A 246 -18.73 11.64 -21.92
N VAL A 247 -18.82 10.92 -23.06
CA VAL A 247 -18.55 11.48 -24.37
C VAL A 247 -19.67 11.10 -25.30
N VAL A 248 -19.83 11.93 -26.31
CA VAL A 248 -20.70 11.67 -27.46
C VAL A 248 -19.95 11.05 -28.65
N VAL A 249 -20.37 9.83 -28.96
CA VAL A 249 -19.64 8.91 -29.82
C VAL A 249 -20.52 8.76 -31.05
N PRO A 250 -20.06 9.24 -32.19
CA PRO A 250 -20.79 9.04 -33.48
C PRO A 250 -20.95 7.55 -33.84
N SER A 251 -21.83 7.25 -34.78
CA SER A 251 -22.13 5.86 -35.19
C SER A 251 -20.95 5.03 -35.62
N GLY A 252 -20.79 3.89 -34.97
CA GLY A 252 -19.76 2.91 -35.29
C GLY A 252 -18.37 3.28 -34.82
N GLN A 253 -18.30 4.18 -33.85
CA GLN A 253 -17.01 4.66 -33.38
C GLN A 253 -16.69 4.26 -31.96
N GLU A 254 -17.54 3.43 -31.32
CA GLU A 254 -17.29 3.02 -29.88
C GLU A 254 -15.89 2.46 -29.60
N GLN A 255 -15.42 1.61 -30.53
CA GLN A 255 -14.08 1.00 -30.45
CA GLN A 255 -14.08 1.01 -30.48
C GLN A 255 -12.91 2.01 -30.51
N ARG A 256 -13.15 3.26 -30.97
CA ARG A 256 -12.07 4.28 -30.91
C ARG A 256 -11.84 4.81 -29.46
N TYR A 257 -12.85 4.68 -28.63
CA TYR A 257 -12.89 5.41 -27.35
C TYR A 257 -12.44 4.55 -26.22
N THR A 258 -11.55 5.08 -25.39
CA THR A 258 -11.18 4.40 -24.17
C THR A 258 -11.37 5.29 -22.94
N CYS A 259 -11.93 4.70 -21.90
CA CYS A 259 -11.99 5.41 -20.63
C CYS A 259 -10.82 5.00 -19.73
N HIS A 260 -10.22 5.96 -19.04
CA HIS A 260 -8.99 5.71 -18.28
C HIS A 260 -9.25 6.09 -16.87
N VAL A 261 -8.94 5.20 -15.92
CA VAL A 261 -9.25 5.46 -14.50
C VAL A 261 -7.98 5.35 -13.69
N GLN A 262 -7.63 6.39 -12.93
CA GLN A 262 -6.50 6.32 -12.01
C GLN A 262 -7.02 6.61 -10.62
N HIS A 263 -6.65 5.74 -9.70
CA HIS A 263 -7.07 5.82 -8.32
C HIS A 263 -6.08 5.03 -7.46
N GLU A 264 -5.85 5.47 -6.21
CA GLU A 264 -4.88 4.84 -5.31
C GLU A 264 -5.24 3.37 -4.99
N GLY A 265 -6.55 3.05 -5.00
CA GLY A 265 -7.06 1.72 -4.74
C GLY A 265 -6.86 0.69 -5.82
N LEU A 266 -6.53 1.11 -7.04
CA LEU A 266 -6.28 0.18 -8.14
C LEU A 266 -4.85 -0.28 -8.16
N PRO A 267 -4.60 -1.57 -8.42
CA PRO A 267 -3.22 -2.10 -8.55
C PRO A 267 -2.47 -1.56 -9.78
N LYS A 268 -3.23 -1.22 -10.82
CA LYS A 268 -2.71 -0.54 -11.99
C LYS A 268 -3.84 0.30 -12.60
N PRO A 269 -3.50 1.38 -13.31
CA PRO A 269 -4.63 2.18 -13.88
C PRO A 269 -5.49 1.37 -14.89
N LEU A 270 -6.79 1.62 -14.90
CA LEU A 270 -7.69 0.90 -15.79
C LEU A 270 -7.87 1.54 -17.16
N THR A 271 -8.03 0.71 -18.18
CA THR A 271 -8.37 1.17 -19.55
C THR A 271 -9.62 0.41 -19.92
N LEU A 272 -10.73 1.13 -20.05
CA LEU A 272 -12.00 0.47 -20.31
C LEU A 272 -12.49 0.83 -21.73
N ARG A 273 -13.08 -0.12 -22.41
CA ARG A 273 -13.58 0.15 -23.77
C ARG A 273 -15.01 -0.39 -23.82
N TRP A 274 -15.89 0.24 -24.60
CA TRP A 274 -17.17 -0.41 -24.95
C TRP A 274 -16.92 -1.36 -26.14
N GLU A 275 -17.09 -2.66 -25.89
CA GLU A 275 -16.94 -3.68 -26.92
C GLU A 275 -17.67 -4.96 -26.44
N MET B 1 -21.93 41.66 -2.02
CA MET B 1 -21.09 40.50 -1.69
C MET B 1 -21.22 39.33 -2.67
N ILE B 2 -20.22 38.45 -2.58
CA ILE B 2 -20.08 37.23 -3.35
C ILE B 2 -21.32 36.35 -3.22
N GLN B 3 -21.84 35.90 -4.35
CA GLN B 3 -22.95 34.98 -4.42
C GLN B 3 -22.58 33.96 -5.52
N ARG B 4 -22.47 32.68 -5.17
CA ARG B 4 -22.13 31.61 -6.12
C ARG B 4 -23.30 30.62 -6.13
N THR B 5 -23.69 30.15 -7.32
CA THR B 5 -24.91 29.37 -7.51
C THR B 5 -24.63 27.90 -7.15
N PRO B 6 -25.56 27.19 -6.51
CA PRO B 6 -25.26 25.75 -6.27
C PRO B 6 -25.23 24.92 -7.54
N LYS B 7 -24.22 24.06 -7.67
CA LYS B 7 -24.29 22.97 -8.63
C LYS B 7 -25.15 21.88 -7.93
N ILE B 8 -25.91 21.12 -8.67
CA ILE B 8 -26.86 20.17 -8.04
C ILE B 8 -26.69 18.86 -8.74
N GLN B 9 -26.53 17.82 -7.94
CA GLN B 9 -26.67 16.46 -8.53
C GLN B 9 -27.62 15.61 -7.71
N VAL B 10 -28.51 14.95 -8.41
CA VAL B 10 -29.48 14.03 -7.79
C VAL B 10 -29.19 12.59 -8.23
N TYR B 11 -29.08 11.71 -7.26
CA TYR B 11 -28.59 10.34 -7.57
C TYR B 11 -28.80 9.41 -6.42
N SER B 12 -28.57 8.14 -6.66
CA SER B 12 -28.75 7.13 -5.60
C SER B 12 -27.41 6.69 -5.02
N ARG B 13 -27.38 6.33 -3.73
CA ARG B 13 -26.21 5.79 -3.11
C ARG B 13 -25.67 4.53 -3.83
N HIS B 14 -26.53 3.53 -4.10
CA HIS B 14 -26.19 2.30 -4.81
C HIS B 14 -26.84 2.41 -6.19
N PRO B 15 -26.34 1.68 -7.20
CA PRO B 15 -27.08 1.63 -8.47
C PRO B 15 -28.53 1.17 -8.24
N ALA B 16 -29.47 1.94 -8.78
CA ALA B 16 -30.88 1.65 -8.52
C ALA B 16 -31.32 0.30 -9.03
N GLU B 17 -31.91 -0.49 -8.13
CA GLU B 17 -32.60 -1.72 -8.53
C GLU B 17 -33.99 -1.70 -7.93
N ASN B 18 -35.00 -1.90 -8.79
CA ASN B 18 -36.38 -1.85 -8.34
C ASN B 18 -36.65 -2.81 -7.19
N GLY B 19 -37.20 -2.31 -6.10
CA GLY B 19 -37.60 -3.19 -5.03
C GLY B 19 -36.54 -3.36 -3.92
N LYS B 20 -35.36 -2.77 -4.15
CA LYS B 20 -34.25 -2.87 -3.20
C LYS B 20 -33.94 -1.54 -2.50
N SER B 21 -33.73 -1.59 -1.15
CA SER B 21 -33.65 -0.36 -0.36
C SER B 21 -32.40 0.40 -0.77
N ASN B 22 -32.46 1.72 -0.69
CA ASN B 22 -31.36 2.56 -1.21
C ASN B 22 -31.45 3.92 -0.56
N PHE B 23 -30.56 4.86 -0.93
CA PHE B 23 -30.73 6.21 -0.45
C PHE B 23 -30.78 7.13 -1.65
N LEU B 24 -31.66 8.14 -1.62
CA LEU B 24 -31.71 9.20 -2.64
C LEU B 24 -30.93 10.40 -2.18
N ASN B 25 -30.02 10.87 -3.00
CA ASN B 25 -29.15 11.95 -2.64
C ASN B 25 -29.44 13.14 -3.49
N CYS B 26 -29.36 14.27 -2.86
CA CYS B 26 -29.20 15.53 -3.57
C CYS B 26 -27.98 16.21 -3.05
N TYR B 27 -27.00 16.37 -3.89
CA TYR B 27 -25.72 16.98 -3.47
C TYR B 27 -25.68 18.37 -4.04
N VAL B 28 -25.62 19.37 -3.14
CA VAL B 28 -25.49 20.75 -3.60
C VAL B 28 -24.10 21.25 -3.25
N SER B 29 -23.45 21.92 -4.16
CA SER B 29 -22.09 22.36 -3.85
C SER B 29 -21.74 23.61 -4.63
N GLY B 30 -20.58 24.19 -4.32
CA GLY B 30 -20.13 25.39 -5.07
C GLY B 30 -20.90 26.65 -4.71
N PHE B 31 -21.66 26.67 -3.63
CA PHE B 31 -22.55 27.82 -3.38
C PHE B 31 -22.11 28.76 -2.29
N HIS B 32 -22.46 30.03 -2.42
CA HIS B 32 -22.27 30.95 -1.35
C HIS B 32 -23.39 32.01 -1.48
N PRO B 33 -23.97 32.53 -0.37
CA PRO B 33 -23.77 32.21 1.07
C PRO B 33 -24.43 30.85 1.44
N SER B 34 -24.50 30.52 2.71
CA SER B 34 -24.75 29.10 3.07
C SER B 34 -26.23 28.79 3.19
N ASP B 35 -27.06 29.82 3.26
CA ASP B 35 -28.51 29.62 3.39
C ASP B 35 -28.96 29.02 2.07
N ILE B 36 -29.57 27.82 2.13
CA ILE B 36 -30.03 27.12 0.95
C ILE B 36 -31.27 26.30 1.36
N GLU B 37 -32.27 26.22 0.49
CA GLU B 37 -33.44 25.32 0.74
C GLU B 37 -33.36 24.13 -0.23
N VAL B 38 -33.32 22.89 0.31
CA VAL B 38 -33.24 21.67 -0.51
C VAL B 38 -34.40 20.72 -0.13
N ASP B 39 -35.23 20.37 -1.11
CA ASP B 39 -36.30 19.37 -0.86
C ASP B 39 -36.17 18.21 -1.82
N LEU B 40 -36.38 16.99 -1.31
CA LEU B 40 -36.44 15.83 -2.18
C LEU B 40 -37.93 15.62 -2.48
N LEU B 41 -38.25 15.28 -3.73
CA LEU B 41 -39.65 15.14 -4.15
C LEU B 41 -39.91 13.73 -4.66
N LYS B 42 -41.02 13.14 -4.27
CA LYS B 42 -41.46 11.88 -4.79
C LYS B 42 -42.76 12.18 -5.53
N ASN B 43 -42.79 11.92 -6.83
CA ASN B 43 -43.92 12.25 -7.71
C ASN B 43 -44.48 13.66 -7.56
N GLY B 44 -43.59 14.64 -7.43
CA GLY B 44 -43.97 16.07 -7.27
C GLY B 44 -44.17 16.63 -5.86
N GLU B 45 -44.18 15.77 -4.85
CA GLU B 45 -44.54 16.17 -3.48
C GLU B 45 -43.34 16.08 -2.57
N ARG B 46 -43.31 16.88 -1.52
CA ARG B 46 -42.15 16.96 -0.61
C ARG B 46 -42.01 15.71 0.26
N ILE B 47 -40.86 15.05 0.18
CA ILE B 47 -40.55 13.96 1.10
C ILE B 47 -40.26 14.56 2.48
N GLU B 48 -40.88 14.04 3.51
CA GLU B 48 -40.69 14.63 4.84
C GLU B 48 -39.43 14.17 5.57
N LYS B 49 -38.95 12.96 5.36
CA LYS B 49 -37.92 12.48 6.29
C LYS B 49 -36.58 12.62 5.62
N VAL B 50 -36.10 13.86 5.47
CA VAL B 50 -34.88 14.11 4.69
C VAL B 50 -33.80 14.65 5.63
N GLU B 51 -32.60 14.10 5.54
CA GLU B 51 -31.56 14.52 6.45
C GLU B 51 -30.53 15.21 5.60
N HIS B 52 -29.57 15.82 6.26
CA HIS B 52 -28.43 16.41 5.57
C HIS B 52 -27.11 16.31 6.31
N SER B 53 -26.02 16.30 5.56
CA SER B 53 -24.66 16.41 6.14
C SER B 53 -24.38 17.74 6.90
N ASP B 54 -23.27 17.78 7.63
CA ASP B 54 -22.96 18.99 8.37
C ASP B 54 -22.31 19.93 7.37
N LEU B 55 -22.65 21.21 7.48
CA LEU B 55 -22.15 22.22 6.54
C LEU B 55 -20.62 22.28 6.55
N SER B 56 -20.06 22.08 5.37
CA SER B 56 -18.62 22.24 5.18
C SER B 56 -18.35 23.02 3.90
N PHE B 57 -17.07 23.21 3.57
CA PHE B 57 -16.72 24.02 2.39
C PHE B 57 -15.42 23.55 1.74
N SER B 58 -15.16 24.05 0.54
CA SER B 58 -14.07 23.54 -0.27
C SER B 58 -12.97 24.60 -0.14
N LYS B 59 -11.86 24.35 -0.84
CA LYS B 59 -10.65 25.18 -0.74
C LYS B 59 -11.00 26.61 -1.12
N ASP B 60 -11.89 26.77 -2.13
CA ASP B 60 -12.36 28.10 -2.54
C ASP B 60 -13.41 28.83 -1.67
N TRP B 61 -13.70 28.24 -0.50
CA TRP B 61 -14.65 28.77 0.53
C TRP B 61 -16.13 28.42 0.24
N SER B 62 -16.38 27.84 -0.94
CA SER B 62 -17.78 27.60 -1.35
C SER B 62 -18.30 26.38 -0.63
N PHE B 63 -19.59 26.39 -0.29
CA PHE B 63 -20.16 25.35 0.57
C PHE B 63 -20.60 24.12 -0.13
N TYR B 64 -20.68 23.04 0.63
CA TYR B 64 -21.36 21.87 0.10
C TYR B 64 -22.11 21.15 1.19
N LEU B 65 -23.19 20.53 0.76
CA LEU B 65 -24.12 19.73 1.54
C LEU B 65 -24.69 18.60 0.75
N LEU B 66 -24.88 17.49 1.45
CA LEU B 66 -25.59 16.34 0.98
C LEU B 66 -26.89 16.12 1.74
N TYR B 67 -27.97 16.16 0.99
CA TYR B 67 -29.27 15.83 1.48
C TYR B 67 -29.63 14.47 1.03
N TYR B 68 -30.26 13.71 1.94
CA TYR B 68 -30.52 12.35 1.69
C TYR B 68 -31.71 11.78 2.41
N THR B 69 -32.23 10.72 1.83
CA THR B 69 -33.34 9.95 2.44
C THR B 69 -33.39 8.50 1.98
N GLU B 70 -33.87 7.61 2.83
CA GLU B 70 -34.06 6.22 2.43
C GLU B 70 -35.21 6.08 1.42
N PHE B 71 -34.99 5.30 0.37
CA PHE B 71 -36.03 5.02 -0.61
C PHE B 71 -35.84 3.66 -1.31
N THR B 72 -36.95 3.09 -1.74
CA THR B 72 -36.90 1.89 -2.54
C THR B 72 -37.43 2.29 -3.93
N PRO B 73 -36.56 2.34 -4.96
CA PRO B 73 -37.02 2.67 -6.33
C PRO B 73 -38.01 1.69 -6.89
N THR B 74 -38.88 2.16 -7.78
CA THR B 74 -39.78 1.27 -8.53
C THR B 74 -39.67 1.66 -9.99
N GLU B 75 -40.34 0.94 -10.89
CA GLU B 75 -40.36 1.36 -12.31
C GLU B 75 -41.09 2.69 -12.52
N LYS B 76 -42.16 2.93 -11.76
CA LYS B 76 -43.06 4.07 -11.94
C LYS B 76 -42.72 5.35 -11.19
N ASP B 77 -42.20 5.26 -9.97
CA ASP B 77 -42.05 6.47 -9.14
C ASP B 77 -40.93 7.40 -9.67
N GLU B 78 -41.24 8.70 -9.75
CA GLU B 78 -40.29 9.76 -10.20
C GLU B 78 -39.80 10.49 -8.98
N TYR B 79 -38.49 10.84 -8.97
CA TYR B 79 -37.87 11.52 -7.85
C TYR B 79 -37.14 12.75 -8.41
N ALA B 80 -37.03 13.78 -7.58
CA ALA B 80 -36.37 15.03 -7.95
C ALA B 80 -35.81 15.71 -6.73
N CYS B 81 -34.95 16.71 -6.98
CA CYS B 81 -34.39 17.52 -5.96
C CYS B 81 -34.86 18.92 -6.30
N ARG B 82 -35.42 19.67 -5.34
CA ARG B 82 -35.80 21.06 -5.62
C ARG B 82 -35.02 22.03 -4.71
N VAL B 83 -34.29 22.96 -5.34
CA VAL B 83 -33.32 23.80 -4.65
C VAL B 83 -33.71 25.27 -4.79
N ASN B 84 -33.75 26.01 -3.69
CA ASN B 84 -33.77 27.47 -3.81
C ASN B 84 -32.58 28.09 -3.13
N HIS B 85 -32.13 29.21 -3.67
CA HIS B 85 -30.92 29.88 -3.15
C HIS B 85 -31.03 31.32 -3.62
N VAL B 86 -30.31 32.27 -2.98
CA VAL B 86 -30.44 33.70 -3.42
CA VAL B 86 -30.36 33.72 -3.38
C VAL B 86 -30.03 33.92 -4.88
N THR B 87 -29.16 33.05 -5.40
CA THR B 87 -28.72 33.08 -6.83
C THR B 87 -29.76 32.55 -7.85
N LEU B 88 -30.85 31.97 -7.37
CA LEU B 88 -31.82 31.34 -8.25
C LEU B 88 -33.03 32.23 -8.22
N SER B 89 -33.55 32.61 -9.38
CA SER B 89 -34.67 33.52 -9.35
C SER B 89 -35.96 32.78 -9.00
N GLN B 90 -35.97 31.48 -9.29
CA GLN B 90 -37.08 30.58 -8.93
C GLN B 90 -36.42 29.25 -8.55
N PRO B 91 -37.14 28.38 -7.79
CA PRO B 91 -36.57 27.14 -7.36
C PRO B 91 -36.16 26.27 -8.55
N LYS B 92 -34.99 25.65 -8.46
CA LYS B 92 -34.52 24.84 -9.58
C LYS B 92 -34.85 23.38 -9.22
N ILE B 93 -35.53 22.67 -10.14
CA ILE B 93 -35.87 21.27 -9.98
C ILE B 93 -35.03 20.38 -10.93
N VAL B 94 -34.32 19.41 -10.33
CA VAL B 94 -33.51 18.45 -11.11
C VAL B 94 -34.09 17.05 -10.90
N LYS B 95 -34.43 16.37 -11.99
CA LYS B 95 -35.05 15.04 -11.95
C LYS B 95 -33.97 13.97 -11.75
N TRP B 96 -34.29 12.96 -10.95
CA TRP B 96 -33.41 11.83 -10.79
C TRP B 96 -33.48 11.02 -12.06
N ASP B 97 -32.32 10.71 -12.62
CA ASP B 97 -32.27 9.88 -13.83
C ASP B 97 -31.43 8.70 -13.34
N ARG B 98 -32.00 7.50 -13.27
CA ARG B 98 -31.23 6.36 -12.70
C ARG B 98 -29.90 5.96 -13.44
N ASP B 99 -29.43 6.86 -14.34
CA ASP B 99 -28.17 6.65 -15.05
CA ASP B 99 -28.26 6.72 -15.20
C ASP B 99 -27.32 7.95 -15.07
N MET B 100 -27.47 8.78 -14.00
CA MET B 100 -26.68 10.03 -13.80
C MET B 100 -26.36 10.29 -12.27
N TYR C 1 -7.91 16.91 16.95
CA TYR C 1 -7.71 17.68 18.24
C TYR C 1 -7.46 19.15 17.90
N MET C 2 -8.38 20.02 18.30
CA MET C 2 -8.30 21.43 17.91
C MET C 2 -7.24 22.26 18.53
N PHE C 3 -6.87 23.33 17.80
CA PHE C 3 -5.99 24.38 18.31
C PHE C 3 -6.78 25.05 19.46
N PRO C 4 -6.12 25.46 20.57
CA PRO C 4 -6.91 25.97 21.71
C PRO C 4 -7.76 27.22 21.47
N ASN C 5 -7.24 28.24 20.76
CA ASN C 5 -7.96 29.51 20.53
C ASN C 5 -8.52 29.73 19.10
N ALA C 6 -9.51 30.61 19.00
CA ALA C 6 -9.71 31.31 17.78
C ALA C 6 -9.26 32.74 18.12
N PRO C 7 -8.18 33.24 17.48
CA PRO C 7 -7.73 34.60 17.85
C PRO C 7 -8.73 35.63 17.29
N TYR C 8 -9.07 36.63 18.09
CA TYR C 8 -9.93 37.72 17.62
C TYR C 8 -9.42 38.41 16.35
N LEU C 9 -10.33 38.48 15.39
CA LEU C 9 -10.10 39.32 14.21
C LEU C 9 -9.99 40.80 14.53
N GLY D 1 -2.30 -14.12 -6.45
CA GLY D 1 -1.63 -14.52 -5.16
C GLY D 1 -0.78 -13.40 -4.63
N SER D 2 -0.13 -13.60 -3.50
CA SER D 2 0.62 -12.57 -2.83
C SER D 2 2.02 -12.42 -3.47
N HIS D 3 2.68 -11.28 -3.30
CA HIS D 3 4.00 -11.06 -3.93
C HIS D 3 4.94 -10.36 -2.99
N SER D 4 6.23 -10.32 -3.34
CA SER D 4 7.20 -9.61 -2.52
C SER D 4 8.33 -9.10 -3.37
N MET D 5 8.95 -8.01 -2.93
CA MET D 5 10.24 -7.62 -3.50
C MET D 5 11.22 -7.55 -2.37
N ARG D 6 12.41 -8.16 -2.51
CA ARG D 6 13.35 -8.12 -1.35
C ARG D 6 14.73 -7.99 -1.89
N TYR D 7 15.56 -7.29 -1.11
CA TYR D 7 16.97 -7.15 -1.40
C TYR D 7 17.78 -7.73 -0.27
N PHE D 8 18.83 -8.47 -0.61
CA PHE D 8 19.58 -9.17 0.40
C PHE D 8 21.02 -8.74 0.20
N PHE D 9 21.73 -8.45 1.27
CA PHE D 9 23.07 -7.95 1.10
C PHE D 9 23.98 -8.65 2.07
N THR D 10 25.14 -9.12 1.59
CA THR D 10 26.11 -9.80 2.42
C THR D 10 27.44 -9.15 2.37
N SER D 11 27.99 -8.78 3.52
CA SER D 11 29.28 -8.12 3.59
C SER D 11 30.20 -8.97 4.45
N VAL D 12 31.39 -9.35 3.93
CA VAL D 12 32.30 -10.23 4.65
C VAL D 12 33.74 -9.70 4.71
N SER D 13 34.22 -9.38 5.92
CA SER D 13 35.60 -8.91 6.06
C SER D 13 36.62 -9.98 5.77
N ARG D 14 37.76 -9.54 5.23
CA ARG D 14 38.81 -10.44 4.75
C ARG D 14 40.19 -9.95 5.22
N PRO D 15 40.49 -10.06 6.53
CA PRO D 15 41.70 -9.49 7.14
C PRO D 15 42.92 -10.03 6.45
N GLY D 16 43.81 -9.14 6.01
CA GLY D 16 45.04 -9.53 5.30
C GLY D 16 44.87 -9.58 3.79
N ARG D 17 43.62 -9.74 3.31
CA ARG D 17 43.36 -10.00 1.89
C ARG D 17 42.59 -8.85 1.18
N GLY D 18 42.84 -7.60 1.59
CA GLY D 18 42.19 -6.40 1.00
C GLY D 18 40.73 -6.20 1.43
N GLU D 19 39.97 -5.47 0.59
CA GLU D 19 38.55 -5.08 0.81
C GLU D 19 37.60 -6.22 1.21
N PRO D 20 36.55 -5.90 2.00
CA PRO D 20 35.51 -6.88 2.25
C PRO D 20 34.74 -7.29 1.01
N ARG D 21 34.29 -8.54 0.99
CA ARG D 21 33.43 -9.01 -0.08
C ARG D 21 32.02 -8.43 0.11
N PHE D 22 31.39 -7.96 -0.95
CA PHE D 22 30.02 -7.47 -0.85
C PHE D 22 29.22 -8.04 -1.98
N ILE D 23 28.12 -8.70 -1.66
CA ILE D 23 27.25 -9.31 -2.61
C ILE D 23 25.85 -8.79 -2.30
N ALA D 24 25.20 -8.24 -3.32
CA ALA D 24 23.83 -7.77 -3.20
C ALA D 24 22.97 -8.49 -4.22
N VAL D 25 21.81 -9.01 -3.79
CA VAL D 25 20.90 -9.62 -4.75
C VAL D 25 19.50 -9.11 -4.49
N GLY D 26 18.75 -9.00 -5.60
CA GLY D 26 17.34 -8.55 -5.59
C GLY D 26 16.43 -9.64 -6.12
N TYR D 27 15.31 -9.88 -5.44
CA TYR D 27 14.31 -10.84 -5.81
C TYR D 27 12.93 -10.19 -5.94
N VAL D 28 12.22 -10.57 -6.99
CA VAL D 28 10.74 -10.55 -6.95
C VAL D 28 10.22 -11.95 -6.70
N ASP D 29 9.45 -12.10 -5.62
CA ASP D 29 9.02 -13.44 -5.13
C ASP D 29 10.27 -14.34 -5.07
N ASP D 30 10.24 -15.44 -5.80
CA ASP D 30 11.33 -16.42 -5.72
C ASP D 30 12.19 -16.29 -6.96
N THR D 31 12.11 -15.15 -7.65
CA THR D 31 12.87 -15.02 -8.87
C THR D 31 13.96 -13.92 -8.69
N GLN D 32 15.23 -14.28 -8.76
CA GLN D 32 16.27 -13.27 -8.67
C GLN D 32 16.32 -12.38 -9.90
N PHE D 33 16.49 -11.07 -9.71
CA PHE D 33 16.50 -10.25 -10.93
C PHE D 33 17.69 -9.34 -11.08
N VAL D 34 18.44 -9.07 -9.99
CA VAL D 34 19.64 -8.27 -10.14
C VAL D 34 20.76 -8.78 -9.23
N ARG D 35 21.97 -8.33 -9.47
CA ARG D 35 23.05 -8.70 -8.56
C ARG D 35 24.18 -7.73 -8.68
N PHE D 36 24.99 -7.63 -7.61
CA PHE D 36 26.24 -6.88 -7.67
C PHE D 36 27.17 -7.75 -6.88
N ASP D 37 28.40 -7.84 -7.36
CA ASP D 37 29.42 -8.53 -6.63
C ASP D 37 30.61 -7.61 -6.71
N SER D 38 31.12 -7.18 -5.53
CA SER D 38 32.36 -6.38 -5.40
C SER D 38 33.59 -7.03 -5.97
N ASP D 39 33.64 -8.35 -6.05
CA ASP D 39 34.79 -8.98 -6.70
C ASP D 39 34.70 -9.08 -8.24
N ALA D 40 33.53 -8.85 -8.82
CA ALA D 40 33.40 -9.00 -10.28
C ALA D 40 34.00 -7.80 -11.05
N ALA D 41 34.20 -7.98 -12.34
CA ALA D 41 34.91 -7.00 -13.15
C ALA D 41 34.08 -5.77 -13.43
N SER D 42 32.78 -5.95 -13.57
CA SER D 42 31.94 -4.88 -14.11
C SER D 42 31.75 -3.68 -13.17
N GLN D 43 31.68 -3.91 -11.87
CA GLN D 43 31.33 -2.91 -10.84
C GLN D 43 29.97 -2.23 -11.19
N ARG D 44 28.96 -3.03 -11.53
CA ARG D 44 27.71 -2.48 -11.99
C ARG D 44 26.70 -3.37 -11.39
N MET D 45 25.54 -2.82 -11.07
CA MET D 45 24.38 -3.70 -10.91
C MET D 45 24.07 -4.38 -12.26
N GLU D 46 23.83 -5.72 -12.25
CA GLU D 46 23.72 -6.53 -13.49
C GLU D 46 22.38 -7.29 -13.45
N PRO D 47 21.75 -7.47 -14.63
CA PRO D 47 20.45 -8.16 -14.65
C PRO D 47 20.62 -9.67 -14.48
N ARG D 48 19.61 -10.34 -13.94
CA ARG D 48 19.65 -11.80 -13.77
C ARG D 48 18.29 -12.41 -14.09
N ALA D 49 17.38 -11.62 -14.65
CA ALA D 49 16.07 -12.12 -15.13
C ALA D 49 15.84 -11.41 -16.46
N PRO D 50 15.30 -12.13 -17.48
CA PRO D 50 15.06 -11.47 -18.80
C PRO D 50 14.16 -10.24 -18.80
N TRP D 51 13.20 -10.18 -17.89
CA TRP D 51 12.27 -9.03 -17.88
C TRP D 51 12.83 -7.68 -17.37
N ILE D 52 14.00 -7.70 -16.72
CA ILE D 52 14.64 -6.46 -16.28
C ILE D 52 15.70 -5.99 -17.29
N GLU D 53 16.07 -6.85 -18.24
CA GLU D 53 17.18 -6.55 -19.15
C GLU D 53 17.01 -5.27 -19.96
N GLN D 54 15.77 -4.97 -20.36
CA GLN D 54 15.53 -3.80 -21.16
C GLN D 54 14.90 -2.59 -20.40
N GLU D 55 15.08 -2.50 -19.07
CA GLU D 55 14.79 -1.30 -18.29
C GLU D 55 15.51 -0.05 -18.75
N GLY D 56 16.70 -0.18 -19.28
CA GLY D 56 17.26 1.07 -19.88
C GLY D 56 18.33 1.70 -19.02
N PRO D 57 19.22 2.56 -19.62
CA PRO D 57 20.47 2.95 -18.90
C PRO D 57 20.27 3.81 -17.66
N GLU D 58 19.25 4.69 -17.63
CA GLU D 58 18.98 5.44 -16.40
C GLU D 58 18.75 4.56 -15.17
N TYR D 59 17.90 3.54 -15.38
CA TYR D 59 17.62 2.54 -14.34
C TYR D 59 18.93 1.93 -13.81
N TRP D 60 19.67 1.33 -14.72
CA TRP D 60 20.94 0.67 -14.39
C TRP D 60 21.99 1.57 -13.77
N ASP D 61 22.12 2.82 -14.23
CA ASP D 61 23.19 3.65 -13.67
C ASP D 61 22.79 4.06 -12.30
N GLY D 62 21.48 4.32 -12.10
CA GLY D 62 20.95 4.65 -10.79
C GLY D 62 21.07 3.48 -9.77
N GLU D 63 20.79 2.25 -10.20
CA GLU D 63 20.93 1.11 -9.27
C GLU D 63 22.42 0.80 -8.95
N THR D 64 23.30 1.03 -9.92
CA THR D 64 24.76 0.92 -9.73
C THR D 64 25.22 1.96 -8.73
N ARG D 65 24.85 3.25 -8.91
CA ARG D 65 25.18 4.30 -7.91
C ARG D 65 24.79 3.85 -6.51
N LYS D 66 23.53 3.47 -6.35
CA LYS D 66 23.09 3.00 -5.05
C LYS D 66 23.89 1.86 -4.46
N VAL D 67 24.17 0.83 -5.26
CA VAL D 67 24.79 -0.36 -4.72
C VAL D 67 26.27 -0.16 -4.42
N LYS D 68 26.92 0.70 -5.20
CA LYS D 68 28.30 1.07 -4.97
C LYS D 68 28.44 1.80 -3.66
N ALA D 69 27.50 2.70 -3.38
CA ALA D 69 27.43 3.43 -2.12
C ALA D 69 27.27 2.47 -0.96
N HIS D 70 26.33 1.53 -1.10
CA HIS D 70 26.04 0.56 -0.04
C HIS D 70 27.25 -0.22 0.37
N SER D 71 28.01 -0.64 -0.64
CA SER D 71 29.22 -1.39 -0.46
C SER D 71 30.16 -0.61 0.48
N GLN D 72 30.39 0.65 0.14
CA GLN D 72 31.18 1.55 0.95
C GLN D 72 30.61 1.74 2.36
N THR D 73 29.29 1.84 2.52
CA THR D 73 28.85 2.02 3.88
C THR D 73 28.99 0.74 4.70
N HIS D 74 28.83 -0.43 4.06
CA HIS D 74 29.06 -1.69 4.78
C HIS D 74 30.52 -1.96 5.09
N ARG D 75 31.42 -1.33 4.34
CA ARG D 75 32.85 -1.34 4.64
C ARG D 75 33.13 -0.62 5.96
N VAL D 76 32.51 0.54 6.12
CA VAL D 76 32.58 1.30 7.37
C VAL D 76 31.93 0.52 8.50
N ASP D 77 30.70 0.03 8.25
CA ASP D 77 29.93 -0.78 9.21
C ASP D 77 30.70 -1.92 9.81
N LEU D 78 31.45 -2.68 9.01
CA LEU D 78 32.24 -3.75 9.61
C LEU D 78 33.17 -3.31 10.75
N GLY D 79 33.83 -2.16 10.54
CA GLY D 79 34.76 -1.57 11.52
C GLY D 79 34.04 -1.00 12.71
N THR D 80 32.88 -0.39 12.46
CA THR D 80 32.11 0.15 13.56
C THR D 80 31.72 -0.99 14.51
N LEU D 81 31.25 -2.12 13.98
CA LEU D 81 30.81 -3.25 14.83
C LEU D 81 31.97 -3.97 15.52
N ARG D 82 33.12 -4.06 14.83
CA ARG D 82 34.41 -4.47 15.45
C ARG D 82 34.66 -3.68 16.72
N GLY D 83 34.50 -2.35 16.64
CA GLY D 83 34.60 -1.48 17.84
C GLY D 83 33.52 -1.67 18.88
N TYR D 84 32.25 -1.88 18.51
CA TYR D 84 31.16 -2.04 19.52
C TYR D 84 31.32 -3.29 20.32
N TYR D 85 31.83 -4.34 19.67
CA TYR D 85 32.01 -5.64 20.36
C TYR D 85 33.44 -5.94 20.77
N ASN D 86 34.34 -4.95 20.60
CA ASN D 86 35.73 -5.00 21.04
C ASN D 86 36.43 -6.24 20.43
N GLN D 87 36.35 -6.33 19.11
CA GLN D 87 36.83 -7.52 18.40
C GLN D 87 38.14 -7.23 17.72
N SER D 88 38.99 -8.24 17.64
CA SER D 88 40.26 -8.13 16.94
C SER D 88 40.11 -7.91 15.43
N GLU D 89 41.12 -7.27 14.84
CA GLU D 89 41.10 -6.95 13.39
C GLU D 89 41.42 -8.21 12.56
N ALA D 90 41.98 -9.21 13.24
CA ALA D 90 42.36 -10.51 12.68
C ALA D 90 41.22 -11.42 12.20
N GLY D 91 40.05 -11.37 12.85
CA GLY D 91 38.97 -12.30 12.53
C GLY D 91 38.05 -11.86 11.39
N SER D 92 37.50 -12.80 10.66
CA SER D 92 36.56 -12.43 9.60
C SER D 92 35.17 -12.39 10.22
N HIS D 93 34.36 -11.37 9.83
CA HIS D 93 33.02 -11.15 10.32
C HIS D 93 32.01 -10.87 9.19
N THR D 94 30.73 -11.10 9.44
CA THR D 94 29.69 -11.02 8.41
C THR D 94 28.59 -10.05 8.84
N VAL D 95 28.24 -9.10 7.98
CA VAL D 95 27.11 -8.27 8.14
C VAL D 95 26.10 -8.62 7.08
N GLN D 96 24.85 -8.85 7.50
CA GLN D 96 23.78 -9.10 6.52
C GLN D 96 22.68 -8.09 6.67
N ARG D 97 22.00 -7.78 5.57
CA ARG D 97 20.96 -6.78 5.59
C ARG D 97 19.91 -7.27 4.63
N MET D 98 18.65 -7.14 5.01
CA MET D 98 17.59 -7.52 4.11
C MET D 98 16.53 -6.44 4.27
N TYR D 99 15.95 -6.05 3.16
CA TYR D 99 14.78 -5.17 3.24
C TYR D 99 13.81 -5.50 2.15
N GLY D 100 12.54 -5.08 2.36
CA GLY D 100 11.59 -5.22 1.23
C GLY D 100 10.14 -5.19 1.68
N CYS D 101 9.21 -5.46 0.77
CA CYS D 101 7.79 -5.28 1.03
C CYS D 101 7.00 -6.46 0.51
N ASP D 102 5.93 -6.78 1.22
CA ASP D 102 5.03 -7.86 0.81
C ASP D 102 3.74 -7.22 0.38
N VAL D 103 3.18 -7.70 -0.72
CA VAL D 103 1.82 -7.27 -1.07
C VAL D 103 0.90 -8.49 -1.16
N GLY D 104 -0.41 -8.28 -1.09
CA GLY D 104 -1.39 -9.36 -1.20
C GLY D 104 -1.82 -9.51 -2.65
N SER D 105 -2.86 -10.29 -2.88
CA SER D 105 -3.27 -10.54 -4.28
C SER D 105 -3.90 -9.33 -4.98
N ASP D 106 -4.33 -8.36 -4.18
CA ASP D 106 -4.74 -7.04 -4.67
C ASP D 106 -3.57 -6.07 -4.92
N TRP D 107 -2.33 -6.58 -4.70
CA TRP D 107 -1.09 -5.79 -4.84
C TRP D 107 -0.98 -4.64 -3.85
N ARG D 108 -1.74 -4.74 -2.75
CA ARG D 108 -1.63 -3.70 -1.74
C ARG D 108 -0.68 -4.07 -0.67
N PHE D 109 0.03 -3.10 -0.13
CA PHE D 109 0.96 -3.29 1.02
C PHE D 109 0.37 -4.15 2.18
N LEU D 110 1.12 -5.18 2.56
CA LEU D 110 0.82 -6.02 3.72
C LEU D 110 1.78 -5.76 4.84
N ARG D 111 3.09 -5.70 4.53
CA ARG D 111 4.16 -5.79 5.53
C ARG D 111 5.45 -5.30 4.90
N GLY D 112 6.34 -4.69 5.68
CA GLY D 112 7.64 -4.20 5.17
C GLY D 112 8.75 -4.58 6.14
N TYR D 113 9.98 -4.73 5.66
CA TYR D 113 11.06 -5.28 6.49
C TYR D 113 12.31 -4.44 6.27
N HIS D 114 13.12 -4.19 7.28
CA HIS D 114 14.42 -3.64 7.03
C HIS D 114 15.22 -4.07 8.25
N GLN D 115 16.07 -5.09 8.10
CA GLN D 115 16.67 -5.69 9.27
C GLN D 115 18.09 -6.09 8.97
N TYR D 116 18.85 -6.29 10.04
CA TYR D 116 20.23 -6.71 9.92
C TYR D 116 20.62 -7.83 10.83
N ALA D 117 21.64 -8.56 10.39
CA ALA D 117 22.33 -9.51 11.25
C ALA D 117 23.84 -9.25 11.34
N TYR D 118 24.44 -9.57 12.50
CA TYR D 118 25.90 -9.58 12.65
C TYR D 118 26.35 -10.98 13.03
N ASP D 119 27.23 -11.61 12.20
CA ASP D 119 27.72 -12.98 12.44
C ASP D 119 26.59 -14.01 12.66
N GLY D 120 25.57 -13.89 11.82
CA GLY D 120 24.41 -14.73 11.85
C GLY D 120 23.44 -14.58 12.96
N LYS D 121 23.57 -13.52 13.75
CA LYS D 121 22.66 -13.29 14.88
C LYS D 121 21.85 -12.02 14.56
N ASP D 122 20.51 -12.03 14.78
CA ASP D 122 19.69 -10.76 14.78
C ASP D 122 20.40 -9.60 15.43
N TYR D 123 20.55 -8.50 14.71
CA TYR D 123 21.18 -7.30 15.25
C TYR D 123 20.11 -6.20 15.47
N ILE D 124 19.46 -5.78 14.41
CA ILE D 124 18.43 -4.73 14.49
C ILE D 124 17.39 -4.98 13.42
N ALA D 125 16.14 -4.68 13.73
CA ALA D 125 15.06 -4.91 12.81
C ALA D 125 14.01 -3.84 12.93
N LEU D 126 13.52 -3.38 11.81
CA LEU D 126 12.34 -2.47 11.83
C LEU D 126 11.09 -3.24 12.22
N LYS D 127 10.33 -2.79 13.21
CA LYS D 127 9.09 -3.51 13.61
C LYS D 127 8.00 -3.26 12.60
N GLU D 128 6.90 -4.01 12.69
CA GLU D 128 5.78 -3.96 11.78
C GLU D 128 5.07 -2.62 11.67
N ASP D 129 5.04 -1.86 12.76
CA ASP D 129 4.39 -0.55 12.80
C ASP D 129 5.17 0.54 12.03
N LEU D 130 6.35 0.18 11.57
CA LEU D 130 7.23 0.99 10.73
C LEU D 130 7.76 2.23 11.44
N ARG D 131 7.74 2.18 12.76
CA ARG D 131 8.14 3.31 13.57
C ARG D 131 9.24 2.92 14.57
N SER D 132 9.25 1.68 15.05
CA SER D 132 10.15 1.35 16.15
C SER D 132 11.07 0.22 15.73
N TRP D 133 12.09 0.03 16.54
CA TRP D 133 13.21 -0.84 16.21
C TRP D 133 13.31 -1.89 17.31
N THR D 134 13.75 -3.06 16.90
CA THR D 134 14.05 -4.10 17.86
C THR D 134 15.56 -4.14 17.92
N ALA D 135 16.10 -3.99 19.13
CA ALA D 135 17.51 -4.06 19.33
C ALA D 135 17.71 -4.78 20.70
N ALA D 136 18.38 -5.92 20.72
CA ALA D 136 18.44 -6.68 21.98
C ALA D 136 19.77 -6.54 22.69
N ASP D 137 20.73 -5.95 21.99
CA ASP D 137 22.11 -5.71 22.44
C ASP D 137 22.31 -4.26 22.87
N MET D 138 23.33 -3.99 23.68
CA MET D 138 23.79 -2.63 23.93
C MET D 138 24.31 -1.93 22.67
N ALA D 139 25.07 -2.69 21.89
CA ALA D 139 25.45 -2.30 20.53
C ALA D 139 24.28 -1.98 19.61
N ALA D 140 23.34 -2.90 19.52
CA ALA D 140 22.21 -2.66 18.65
C ALA D 140 21.43 -1.42 19.14
N GLN D 141 21.31 -1.23 20.47
CA GLN D 141 20.68 -0.04 21.00
C GLN D 141 21.44 1.24 20.61
N THR D 142 22.76 1.22 20.56
CA THR D 142 23.52 2.38 20.02
C THR D 142 23.20 2.75 18.56
N THR D 143 23.23 1.76 17.67
CA THR D 143 22.75 1.90 16.31
C THR D 143 21.29 2.43 16.29
N LYS D 144 20.39 1.77 17.01
CA LYS D 144 18.99 2.29 17.14
C LYS D 144 18.92 3.77 17.51
N HIS D 145 19.77 4.22 18.43
CA HIS D 145 19.77 5.65 18.79
C HIS D 145 20.23 6.57 17.66
N LYS D 146 21.16 6.11 16.84
CA LYS D 146 21.58 6.88 15.65
C LYS D 146 20.42 7.00 14.65
N TRP D 147 19.70 5.90 14.52
CA TRP D 147 18.65 5.82 13.52
C TRP D 147 17.39 6.51 13.93
N GLU D 148 17.18 6.58 15.25
CA GLU D 148 16.12 7.46 15.81
C GLU D 148 16.39 8.93 15.55
N ALA D 149 17.60 9.38 15.87
CA ALA D 149 18.00 10.78 15.62
C ALA D 149 17.94 11.22 14.16
N ALA D 150 18.29 10.31 13.27
CA ALA D 150 18.31 10.50 11.82
C ALA D 150 16.97 10.17 11.13
N HIS D 151 15.95 9.83 11.95
CA HIS D 151 14.59 9.51 11.42
C HIS D 151 14.59 8.50 10.29
N VAL D 152 15.30 7.38 10.52
CA VAL D 152 15.49 6.41 9.52
C VAL D 152 14.18 5.66 9.27
N ALA D 153 13.45 5.35 10.35
CA ALA D 153 12.22 4.57 10.23
C ALA D 153 11.21 5.33 9.31
N GLU D 154 11.17 6.66 9.44
CA GLU D 154 10.22 7.44 8.63
C GLU D 154 10.60 7.36 7.17
N GLN D 155 11.90 7.43 6.86
CA GLN D 155 12.34 7.21 5.49
C GLN D 155 11.94 5.87 4.92
N LEU D 156 12.01 4.84 5.76
CA LEU D 156 11.65 3.52 5.35
C LEU D 156 10.16 3.35 5.20
N ARG D 157 9.36 3.97 6.06
CA ARG D 157 7.91 3.95 5.83
C ARG D 157 7.59 4.44 4.41
N ALA D 158 8.17 5.57 3.98
CA ALA D 158 7.84 6.11 2.67
C ALA D 158 8.29 5.16 1.56
N TYR D 159 9.43 4.52 1.73
CA TYR D 159 9.93 3.63 0.74
C TYR D 159 9.16 2.30 0.74
N LEU D 160 8.98 1.69 1.90
CA LEU D 160 8.41 0.31 1.98
C LEU D 160 6.95 0.25 1.58
N GLU D 161 6.16 1.26 1.98
CA GLU D 161 4.72 1.36 1.62
C GLU D 161 4.48 2.03 0.30
N GLY D 162 5.45 2.82 -0.16
CA GLY D 162 5.31 3.65 -1.38
C GLY D 162 6.14 3.05 -2.51
N THR D 163 7.36 3.57 -2.67
CA THR D 163 8.28 3.16 -3.70
C THR D 163 8.43 1.66 -3.90
N CYS D 164 8.58 0.92 -2.82
CA CYS D 164 8.85 -0.51 -2.94
C CYS D 164 7.65 -1.15 -3.66
N VAL D 165 6.47 -0.75 -3.21
CA VAL D 165 5.22 -1.35 -3.72
C VAL D 165 5.04 -0.91 -5.17
N GLU D 166 5.29 0.39 -5.46
CA GLU D 166 5.19 0.85 -6.86
C GLU D 166 6.10 0.13 -7.82
N TRP D 167 7.38 -0.08 -7.44
CA TRP D 167 8.29 -0.80 -8.30
C TRP D 167 8.00 -2.31 -8.40
N LEU D 168 7.64 -2.92 -7.29
CA LEU D 168 7.05 -4.31 -7.34
C LEU D 168 5.92 -4.48 -8.39
N ARG D 169 4.95 -3.56 -8.39
CA ARG D 169 3.80 -3.65 -9.35
C ARG D 169 4.28 -3.50 -10.78
N ARG D 170 5.25 -2.60 -10.98
CA ARG D 170 5.83 -2.40 -12.28
C ARG D 170 6.56 -3.65 -12.78
N TYR D 171 7.38 -4.23 -11.94
CA TYR D 171 8.09 -5.48 -12.24
C TYR D 171 7.16 -6.62 -12.51
N LEU D 172 6.09 -6.70 -11.71
CA LEU D 172 5.05 -7.72 -11.87
C LEU D 172 4.37 -7.59 -13.24
N GLU D 173 4.06 -6.36 -13.65
CA GLU D 173 3.57 -6.12 -15.02
C GLU D 173 4.59 -6.38 -16.12
N ASN D 174 5.78 -5.78 -16.03
CA ASN D 174 6.84 -6.02 -17.00
C ASN D 174 7.27 -7.46 -17.20
N GLY D 175 7.31 -8.21 -16.11
CA GLY D 175 7.62 -9.62 -16.22
C GLY D 175 6.46 -10.57 -16.04
N LYS D 176 5.26 -10.10 -16.42
CA LYS D 176 4.03 -10.89 -16.21
C LYS D 176 4.03 -12.32 -16.66
N GLU D 177 4.55 -12.60 -17.88
CA GLU D 177 4.65 -13.95 -18.37
C GLU D 177 5.32 -14.99 -17.43
N THR D 178 6.25 -14.51 -16.62
CA THR D 178 7.08 -15.24 -15.65
C THR D 178 6.47 -15.12 -14.28
N LEU D 179 6.33 -13.88 -13.85
CA LEU D 179 6.06 -13.60 -12.43
C LEU D 179 4.61 -13.77 -12.09
N GLN D 180 3.70 -13.63 -13.07
CA GLN D 180 2.28 -13.82 -12.78
C GLN D 180 1.79 -15.19 -13.23
N ARG D 181 2.69 -16.12 -13.54
CA ARG D 181 2.22 -17.41 -14.02
C ARG D 181 1.93 -18.33 -12.81
N THR D 182 1.01 -19.27 -12.94
CA THR D 182 0.91 -20.34 -11.93
C THR D 182 1.15 -21.62 -12.66
N ASP D 183 2.28 -22.27 -12.37
CA ASP D 183 2.61 -23.61 -12.91
C ASP D 183 2.33 -24.62 -11.81
N ALA D 184 1.27 -25.39 -11.98
CA ALA D 184 0.84 -26.40 -11.01
C ALA D 184 1.85 -27.52 -10.99
N PRO D 185 2.03 -28.17 -9.83
CA PRO D 185 3.06 -29.21 -9.81
C PRO D 185 2.72 -30.41 -10.67
N LYS D 186 3.74 -30.98 -11.30
CA LYS D 186 3.55 -32.26 -11.92
C LYS D 186 3.86 -33.28 -10.86
N THR D 187 2.93 -34.18 -10.58
CA THR D 187 3.13 -35.08 -9.42
C THR D 187 3.27 -36.54 -9.88
N HIS D 188 4.01 -37.33 -9.12
CA HIS D 188 4.01 -38.76 -9.30
C HIS D 188 4.54 -39.37 -8.02
N MET D 189 4.36 -40.69 -7.90
CA MET D 189 4.88 -41.48 -6.81
C MET D 189 5.88 -42.52 -7.28
N THR D 190 6.80 -42.87 -6.40
CA THR D 190 7.67 -44.01 -6.60
C THR D 190 7.54 -44.90 -5.39
N HIS D 191 7.80 -46.17 -5.62
CA HIS D 191 7.76 -47.21 -4.57
C HIS D 191 9.02 -48.02 -4.69
N HIS D 192 9.77 -48.20 -3.60
CA HIS D 192 11.06 -48.95 -3.63
CA HIS D 192 10.99 -49.00 -3.67
C HIS D 192 11.12 -49.85 -2.41
N ALA D 193 11.41 -51.13 -2.60
CA ALA D 193 11.51 -52.05 -1.47
C ALA D 193 12.80 -51.81 -0.68
N VAL D 194 12.64 -51.43 0.59
CA VAL D 194 13.76 -51.38 1.57
C VAL D 194 14.24 -52.80 1.90
N SER D 195 13.29 -53.74 2.00
CA SER D 195 13.51 -55.12 2.48
C SER D 195 12.27 -55.95 2.07
N ASP D 196 12.18 -57.18 2.59
CA ASP D 196 10.97 -57.97 2.40
C ASP D 196 9.72 -57.50 3.19
N HIS D 197 9.85 -56.61 4.17
CA HIS D 197 8.67 -56.25 4.96
C HIS D 197 8.30 -54.77 4.90
N GLU D 198 9.13 -53.96 4.26
CA GLU D 198 8.76 -52.58 4.03
C GLU D 198 9.24 -51.96 2.75
N ALA D 199 8.54 -50.88 2.36
CA ALA D 199 8.89 -50.15 1.19
C ALA D 199 8.80 -48.65 1.39
N THR D 200 9.61 -47.89 0.69
CA THR D 200 9.47 -46.43 0.67
C THR D 200 8.50 -46.01 -0.39
N LEU D 201 7.54 -45.14 -0.02
CA LEU D 201 6.69 -44.46 -1.01
C LEU D 201 7.09 -43.00 -0.97
N ARG D 202 7.46 -42.50 -2.12
CA ARG D 202 7.89 -41.09 -2.26
C ARG D 202 6.92 -40.34 -3.12
N CYS D 203 6.41 -39.19 -2.64
CA CYS D 203 5.47 -38.41 -3.43
C CYS D 203 6.26 -37.22 -3.96
N TRP D 204 6.25 -36.97 -5.24
CA TRP D 204 7.01 -35.84 -5.83
C TRP D 204 6.12 -34.72 -6.33
N ALA D 205 6.64 -33.50 -6.30
CA ALA D 205 6.02 -32.36 -6.95
C ALA D 205 7.14 -31.67 -7.67
N LEU D 206 6.99 -31.54 -9.01
CA LEU D 206 8.01 -31.06 -9.87
C LEU D 206 7.46 -29.91 -10.72
N SER D 207 8.38 -29.06 -11.20
CA SER D 207 8.09 -27.95 -12.10
C SER D 207 7.03 -27.00 -11.66
N PHE D 208 6.98 -26.70 -10.38
CA PHE D 208 5.95 -25.78 -9.91
C PHE D 208 6.48 -24.37 -9.69
N TYR D 209 5.55 -23.41 -9.75
CA TYR D 209 5.86 -21.99 -9.55
C TYR D 209 4.55 -21.32 -9.11
N PRO D 210 4.56 -20.54 -8.00
CA PRO D 210 5.67 -20.21 -7.09
C PRO D 210 6.08 -21.33 -6.17
N ALA D 211 7.17 -21.06 -5.43
CA ALA D 211 7.79 -22.07 -4.52
C ALA D 211 6.87 -22.57 -3.40
N GLU D 212 5.94 -21.74 -2.91
CA GLU D 212 5.07 -22.14 -1.79
CA GLU D 212 5.06 -22.13 -1.80
C GLU D 212 4.24 -23.36 -2.17
N ILE D 213 4.26 -24.38 -1.33
CA ILE D 213 3.55 -25.61 -1.60
C ILE D 213 3.39 -26.30 -0.28
N THR D 214 2.37 -27.12 -0.15
CA THR D 214 2.25 -27.96 1.03
C THR D 214 2.16 -29.38 0.54
N LEU D 215 3.07 -30.24 1.02
CA LEU D 215 3.16 -31.61 0.55
C LEU D 215 3.18 -32.56 1.73
N THR D 216 2.18 -33.43 1.88
CA THR D 216 2.17 -34.24 3.12
C THR D 216 1.69 -35.66 2.86
N TRP D 217 2.03 -36.58 3.76
CA TRP D 217 1.47 -37.96 3.73
C TRP D 217 0.53 -38.13 4.86
N GLN D 218 -0.57 -38.86 4.61
CA GLN D 218 -1.45 -39.28 5.68
C GLN D 218 -1.58 -40.77 5.65
N ARG D 219 -1.83 -41.35 6.80
CA ARG D 219 -2.13 -42.77 6.90
C ARG D 219 -3.56 -42.87 7.47
N ASP D 220 -4.49 -43.44 6.70
CA ASP D 220 -5.96 -43.46 7.08
C ASP D 220 -6.51 -42.04 7.28
N GLY D 221 -5.98 -41.07 6.51
CA GLY D 221 -6.34 -39.68 6.63
C GLY D 221 -5.79 -39.00 7.88
N GLU D 222 -4.84 -39.61 8.59
CA GLU D 222 -4.30 -39.09 9.87
C GLU D 222 -2.87 -38.60 9.67
N ASP D 223 -2.48 -37.65 10.50
CA ASP D 223 -1.17 -36.96 10.57
C ASP D 223 -0.06 -37.97 10.49
N GLN D 224 0.98 -37.67 9.72
CA GLN D 224 2.16 -38.56 9.62
C GLN D 224 3.46 -37.71 9.66
N THR D 225 3.38 -36.52 10.26
CA THR D 225 4.46 -35.51 10.14
C THR D 225 5.78 -36.03 10.75
N GLN D 226 5.67 -36.71 11.89
CA GLN D 226 6.87 -37.24 12.55
C GLN D 226 7.43 -38.48 11.88
N ASP D 227 6.69 -39.01 10.91
CA ASP D 227 7.14 -40.19 10.19
C ASP D 227 7.31 -39.96 8.69
N THR D 228 7.38 -38.71 8.26
CA THR D 228 7.53 -38.35 6.89
C THR D 228 8.91 -37.66 6.79
N GLU D 229 9.66 -38.09 5.79
CA GLU D 229 10.89 -37.39 5.48
C GLU D 229 10.45 -36.37 4.46
N LEU D 230 10.65 -35.10 4.77
CA LEU D 230 10.17 -34.03 3.89
C LEU D 230 11.37 -33.16 3.53
N VAL D 231 11.69 -33.04 2.24
CA VAL D 231 12.88 -32.24 1.93
C VAL D 231 12.51 -30.78 1.81
N GLU D 232 13.50 -29.92 1.99
CA GLU D 232 13.29 -28.50 1.72
C GLU D 232 12.93 -28.31 0.26
N THR D 233 12.01 -27.40 -0.01
CA THR D 233 11.72 -27.03 -1.41
C THR D 233 13.01 -26.52 -2.03
N ARG D 234 13.28 -26.93 -3.28
CA ARG D 234 14.57 -26.68 -3.91
C ARG D 234 14.39 -26.19 -5.36
N PRO D 235 15.29 -25.31 -5.83
CA PRO D 235 15.18 -24.76 -7.16
C PRO D 235 15.61 -25.82 -8.20
N ALA D 236 14.83 -25.96 -9.24
CA ALA D 236 15.30 -26.82 -10.34
C ALA D 236 16.41 -26.22 -11.18
N GLY D 237 16.49 -24.89 -11.14
CA GLY D 237 17.50 -24.07 -11.89
C GLY D 237 16.89 -23.42 -13.13
N ASP D 238 15.66 -23.81 -13.45
CA ASP D 238 14.99 -23.23 -14.63
C ASP D 238 13.89 -22.23 -14.22
N GLY D 239 13.88 -21.81 -12.96
CA GLY D 239 12.88 -20.88 -12.42
C GLY D 239 11.65 -21.63 -11.93
N THR D 240 11.72 -22.97 -11.89
CA THR D 240 10.68 -23.79 -11.24
C THR D 240 11.20 -24.48 -9.97
N PHE D 241 10.32 -25.17 -9.23
CA PHE D 241 10.71 -25.69 -7.89
C PHE D 241 10.31 -27.15 -7.78
N GLN D 242 10.95 -27.84 -6.87
CA GLN D 242 10.74 -29.29 -6.65
C GLN D 242 10.57 -29.56 -5.17
N LYS D 243 9.82 -30.64 -4.78
CA LYS D 243 9.80 -31.05 -3.41
C LYS D 243 9.42 -32.52 -3.39
N TRP D 244 9.86 -33.25 -2.38
CA TRP D 244 9.28 -34.57 -2.20
C TRP D 244 9.04 -34.90 -0.76
N ALA D 245 8.15 -35.88 -0.50
CA ALA D 245 7.89 -36.32 0.85
C ALA D 245 7.84 -37.87 0.73
N ALA D 246 8.46 -38.53 1.71
CA ALA D 246 8.49 -39.96 1.71
C ALA D 246 8.08 -40.59 3.01
N VAL D 247 7.38 -41.72 2.95
CA VAL D 247 7.12 -42.52 4.16
C VAL D 247 7.59 -43.95 3.92
N VAL D 248 7.85 -44.65 5.02
CA VAL D 248 8.15 -46.07 5.01
C VAL D 248 6.89 -46.90 5.32
N VAL D 249 6.47 -47.69 4.36
CA VAL D 249 5.17 -48.39 4.36
C VAL D 249 5.42 -49.86 4.66
N PRO D 250 4.83 -50.36 5.74
CA PRO D 250 4.98 -51.83 5.93
C PRO D 250 4.19 -52.63 4.89
N SER D 251 4.60 -53.89 4.66
CA SER D 251 3.89 -54.84 3.78
C SER D 251 2.38 -54.84 3.77
N GLY D 252 1.82 -54.63 2.58
CA GLY D 252 0.39 -54.74 2.39
C GLY D 252 -0.37 -53.49 2.78
N GLN D 253 0.32 -52.37 3.04
CA GLN D 253 -0.33 -51.18 3.62
C GLN D 253 -0.29 -49.97 2.73
N GLU D 254 0.12 -50.18 1.47
CA GLU D 254 0.15 -49.05 0.49
C GLU D 254 -1.11 -48.23 0.34
N GLN D 255 -2.21 -48.98 0.41
CA GLN D 255 -3.56 -48.43 0.23
CA GLN D 255 -3.54 -48.42 0.21
C GLN D 255 -3.98 -47.54 1.41
N ARG D 256 -3.30 -47.64 2.55
CA ARG D 256 -3.64 -46.80 3.70
C ARG D 256 -3.12 -45.37 3.58
N TYR D 257 -2.12 -45.19 2.70
CA TYR D 257 -1.37 -43.93 2.61
C TYR D 257 -1.83 -43.01 1.51
N THR D 258 -2.05 -41.74 1.83
CA THR D 258 -2.35 -40.79 0.76
C THR D 258 -1.40 -39.63 0.82
N CYS D 259 -1.06 -39.13 -0.34
CA CYS D 259 -0.23 -37.94 -0.43
C CYS D 259 -1.11 -36.74 -0.84
N HIS D 260 -0.97 -35.63 -0.13
CA HIS D 260 -1.75 -34.40 -0.28
C HIS D 260 -0.90 -33.29 -0.80
N VAL D 261 -1.37 -32.62 -1.84
CA VAL D 261 -0.60 -31.54 -2.46
C VAL D 261 -1.51 -30.31 -2.51
N GLN D 262 -1.05 -29.19 -2.01
CA GLN D 262 -1.71 -27.91 -2.22
C GLN D 262 -0.77 -26.94 -2.84
N HIS D 263 -1.28 -26.14 -3.77
CA HIS D 263 -0.46 -25.20 -4.53
C HIS D 263 -1.41 -24.26 -5.23
N GLU D 264 -0.98 -23.02 -5.46
CA GLU D 264 -1.86 -21.99 -6.06
C GLU D 264 -2.34 -22.40 -7.45
N GLY D 265 -1.52 -23.18 -8.17
CA GLY D 265 -1.84 -23.71 -9.49
C GLY D 265 -2.87 -24.82 -9.49
N LEU D 266 -3.19 -25.37 -8.32
CA LEU D 266 -4.25 -26.38 -8.18
C LEU D 266 -5.61 -25.86 -7.65
N PRO D 267 -6.62 -25.82 -8.56
CA PRO D 267 -7.97 -25.36 -8.28
C PRO D 267 -8.55 -26.15 -7.11
N LYS D 268 -8.20 -27.43 -7.02
CA LYS D 268 -8.54 -28.28 -5.90
CA LYS D 268 -8.53 -28.29 -5.89
C LYS D 268 -7.27 -29.03 -5.46
N PRO D 269 -7.04 -29.13 -4.12
CA PRO D 269 -5.93 -29.95 -3.58
C PRO D 269 -5.96 -31.38 -4.12
N LEU D 270 -4.78 -31.91 -4.38
CA LEU D 270 -4.65 -33.24 -4.90
C LEU D 270 -4.57 -34.23 -3.79
N THR D 271 -5.26 -35.35 -3.97
CA THR D 271 -5.03 -36.51 -3.08
C THR D 271 -4.59 -37.70 -3.91
N LEU D 272 -3.38 -38.22 -3.66
CA LEU D 272 -2.84 -39.29 -4.47
C LEU D 272 -2.69 -40.55 -3.61
N ARG D 273 -2.90 -41.71 -4.17
CA ARG D 273 -2.85 -42.95 -3.41
C ARG D 273 -2.13 -43.97 -4.31
N TRP D 274 -1.20 -44.74 -3.76
CA TRP D 274 -0.54 -45.81 -4.54
C TRP D 274 -1.55 -46.96 -4.66
N GLU D 275 -1.94 -47.28 -5.90
CA GLU D 275 -2.95 -48.29 -6.20
C GLU D 275 -2.88 -48.70 -7.69
N MET E 1 31.50 -17.78 17.60
CA MET E 1 30.49 -17.21 16.66
C MET E 1 29.70 -18.36 16.08
N ILE E 2 28.47 -17.99 15.70
CA ILE E 2 27.51 -18.89 15.10
C ILE E 2 28.08 -19.64 13.88
N GLN E 3 27.93 -20.96 13.90
CA GLN E 3 28.35 -21.84 12.83
C GLN E 3 27.21 -22.80 12.58
N ARG E 4 26.67 -22.84 11.36
CA ARG E 4 25.54 -23.71 11.08
C ARG E 4 25.96 -24.57 9.90
N THR E 5 25.64 -25.87 9.97
CA THR E 5 26.07 -26.89 9.00
C THR E 5 25.21 -26.80 7.73
N PRO E 6 25.84 -26.96 6.58
CA PRO E 6 25.05 -27.01 5.31
C PRO E 6 24.14 -28.25 5.17
N LYS E 7 22.90 -28.03 4.70
CA LYS E 7 22.02 -29.11 4.34
C LYS E 7 22.40 -29.27 2.88
N ILE E 8 22.43 -30.49 2.39
CA ILE E 8 22.84 -30.69 0.98
C ILE E 8 21.79 -31.55 0.29
N GLN E 9 21.34 -31.11 -0.88
CA GLN E 9 20.61 -31.96 -1.83
C GLN E 9 21.24 -31.99 -3.19
N VAL E 10 21.44 -33.19 -3.68
CA VAL E 10 21.96 -33.45 -5.00
C VAL E 10 20.91 -34.10 -5.88
N TYR E 11 20.67 -33.54 -7.05
CA TYR E 11 19.46 -33.94 -7.82
C TYR E 11 19.50 -33.40 -9.20
N SER E 12 18.64 -33.92 -10.05
CA SER E 12 18.66 -33.39 -11.42
C SER E 12 17.50 -32.43 -11.64
N ARG E 13 17.72 -31.46 -12.50
CA ARG E 13 16.66 -30.57 -12.92
C ARG E 13 15.45 -31.31 -13.44
N HIS E 14 15.63 -32.23 -14.42
CA HIS E 14 14.53 -32.97 -15.00
C HIS E 14 14.65 -34.37 -14.45
N PRO E 15 13.55 -35.15 -14.42
CA PRO E 15 13.71 -36.57 -14.08
C PRO E 15 14.71 -37.27 -15.02
N ALA E 16 15.62 -38.03 -14.47
CA ALA E 16 16.73 -38.56 -15.24
C ALA E 16 16.31 -39.59 -16.24
N GLU E 17 16.71 -39.35 -17.49
CA GLU E 17 16.49 -40.33 -18.51
C GLU E 17 17.80 -40.58 -19.21
N ASN E 18 18.23 -41.85 -19.26
CA ASN E 18 19.55 -42.19 -19.81
C ASN E 18 19.68 -41.70 -21.25
N GLY E 19 20.78 -40.98 -21.54
CA GLY E 19 21.08 -40.52 -22.85
C GLY E 19 20.47 -39.16 -23.15
N LYS E 20 19.75 -38.57 -22.19
CA LYS E 20 19.09 -37.26 -22.42
C LYS E 20 19.69 -36.15 -21.61
N SER E 21 19.91 -34.99 -22.24
CA SER E 21 20.64 -33.89 -21.58
C SER E 21 19.83 -33.31 -20.39
N ASN E 22 20.55 -32.83 -19.41
CA ASN E 22 19.97 -32.45 -18.09
C ASN E 22 20.91 -31.58 -17.33
N PHE E 23 20.55 -31.20 -16.11
CA PHE E 23 21.42 -30.44 -15.33
C PHE E 23 21.49 -31.19 -14.02
N LEU E 24 22.71 -31.31 -13.52
CA LEU E 24 22.93 -31.82 -12.19
C LEU E 24 23.06 -30.68 -11.20
N ASN E 25 22.30 -30.75 -10.11
CA ASN E 25 22.25 -29.70 -9.12
C ASN E 25 22.75 -30.15 -7.77
N CYS E 26 23.47 -29.25 -7.11
CA CYS E 26 23.80 -29.43 -5.68
C CYS E 26 23.32 -28.19 -4.97
N TYR E 27 22.25 -28.33 -4.20
CA TYR E 27 21.67 -27.19 -3.51
C TYR E 27 22.15 -27.26 -2.05
N VAL E 28 22.90 -26.25 -1.61
CA VAL E 28 23.37 -26.20 -0.19
C VAL E 28 22.65 -25.11 0.54
N SER E 29 22.20 -25.37 1.75
CA SER E 29 21.40 -24.35 2.41
C SER E 29 21.61 -24.43 3.91
N GLY E 30 21.05 -23.45 4.59
CA GLY E 30 21.12 -23.42 6.07
C GLY E 30 22.49 -23.21 6.71
N PHE E 31 23.43 -22.66 5.97
CA PHE E 31 24.79 -22.63 6.53
C PHE E 31 25.25 -21.25 6.96
N HIS E 32 26.26 -21.23 7.86
CA HIS E 32 26.85 -20.00 8.32
C HIS E 32 28.21 -20.35 8.89
N PRO E 33 29.26 -19.56 8.59
CA PRO E 33 29.35 -18.38 7.76
C PRO E 33 29.32 -18.78 6.28
N SER E 34 29.57 -17.84 5.39
CA SER E 34 29.24 -18.12 3.97
C SER E 34 30.36 -18.84 3.18
N ASP E 35 31.60 -18.81 3.70
CA ASP E 35 32.70 -19.49 3.03
C ASP E 35 32.38 -20.96 2.98
N ILE E 36 32.35 -21.54 1.77
CA ILE E 36 32.00 -22.92 1.57
C ILE E 36 32.66 -23.43 0.28
N GLU E 37 32.99 -24.70 0.23
CA GLU E 37 33.50 -25.36 -1.01
C GLU E 37 32.52 -26.42 -1.46
N VAL E 38 32.12 -26.34 -2.72
CA VAL E 38 31.11 -27.28 -3.20
C VAL E 38 31.57 -27.77 -4.58
N ASP E 39 31.83 -29.04 -4.71
CA ASP E 39 32.15 -29.61 -6.00
C ASP E 39 31.10 -30.64 -6.40
N LEU E 40 30.88 -30.75 -7.71
CA LEU E 40 30.15 -31.85 -8.30
C LEU E 40 31.17 -32.89 -8.81
N LEU E 41 30.93 -34.19 -8.55
CA LEU E 41 31.84 -35.28 -8.97
C LEU E 41 31.23 -36.23 -9.97
N LYS E 42 32.01 -36.66 -10.93
CA LYS E 42 31.61 -37.64 -11.89
C LYS E 42 32.56 -38.80 -11.78
N ASN E 43 32.04 -39.94 -11.29
CA ASN E 43 32.82 -41.12 -11.06
C ASN E 43 34.08 -40.76 -10.26
N GLY E 44 33.95 -39.93 -9.24
CA GLY E 44 35.14 -39.60 -8.45
C GLY E 44 35.84 -38.29 -8.87
N GLU E 45 35.65 -37.87 -10.11
CA GLU E 45 36.40 -36.75 -10.71
C GLU E 45 35.64 -35.45 -10.59
N ARG E 46 36.31 -34.45 -10.03
CA ARG E 46 35.72 -33.08 -9.89
C ARG E 46 35.42 -32.53 -11.25
N ILE E 47 34.17 -32.13 -11.45
CA ILE E 47 33.69 -31.60 -12.72
C ILE E 47 34.13 -30.11 -12.79
N GLU E 48 34.59 -29.68 -13.94
CA GLU E 48 35.21 -28.36 -14.09
C GLU E 48 34.19 -27.29 -14.28
N LYS E 49 33.23 -27.55 -15.16
CA LYS E 49 32.40 -26.46 -15.65
C LYS E 49 31.19 -26.45 -14.74
N VAL E 50 31.36 -25.95 -13.50
CA VAL E 50 30.26 -25.93 -12.56
C VAL E 50 29.96 -24.49 -12.21
N GLU E 51 28.71 -24.11 -12.39
CA GLU E 51 28.33 -22.74 -12.06
C GLU E 51 27.55 -22.67 -10.76
N HIS E 52 27.38 -21.47 -10.25
CA HIS E 52 26.59 -21.31 -9.03
C HIS E 52 25.82 -20.04 -8.99
N SER E 53 24.71 -20.13 -8.27
CA SER E 53 23.84 -18.95 -8.03
C SER E 53 24.56 -17.90 -7.15
N ASP E 54 24.12 -16.64 -7.21
CA ASP E 54 24.67 -15.58 -6.38
C ASP E 54 24.26 -15.78 -4.94
N LEU E 55 25.22 -15.60 -4.04
CA LEU E 55 25.01 -15.74 -2.58
C LEU E 55 23.78 -15.01 -2.06
N SER E 56 22.85 -15.79 -1.52
CA SER E 56 21.69 -15.22 -0.92
C SER E 56 21.45 -15.88 0.43
N PHE E 57 20.42 -15.44 1.14
CA PHE E 57 20.08 -16.02 2.47
C PHE E 57 18.57 -16.09 2.75
N SER E 58 18.21 -16.93 3.72
CA SER E 58 16.83 -17.15 4.09
C SER E 58 16.49 -16.20 5.23
N LYS E 59 15.23 -16.25 5.69
CA LYS E 59 14.74 -15.38 6.78
C LYS E 59 15.56 -15.45 8.07
N ASP E 60 16.09 -16.63 8.38
CA ASP E 60 16.81 -16.82 9.63
C ASP E 60 18.33 -16.50 9.44
N TRP E 61 18.68 -15.91 8.26
CA TRP E 61 20.06 -15.39 7.93
C TRP E 61 20.97 -16.47 7.38
N SER E 62 20.52 -17.73 7.42
CA SER E 62 21.36 -18.79 6.92
C SER E 62 21.48 -18.75 5.39
N PHE E 63 22.68 -19.00 4.86
CA PHE E 63 22.92 -18.87 3.41
C PHE E 63 22.47 -20.03 2.61
N TYR E 64 22.23 -19.80 1.33
CA TYR E 64 22.01 -20.87 0.40
C TYR E 64 22.61 -20.53 -0.95
N LEU E 65 23.03 -21.58 -1.62
CA LEU E 65 23.55 -21.54 -3.00
C LEU E 65 23.14 -22.78 -3.75
N LEU E 66 22.90 -22.60 -5.04
CA LEU E 66 22.73 -23.69 -5.99
C LEU E 66 23.96 -23.79 -6.89
N TYR E 67 24.58 -24.96 -6.91
CA TYR E 67 25.65 -25.25 -7.85
C TYR E 67 25.08 -26.15 -8.87
N TYR E 68 25.49 -25.98 -10.11
CA TYR E 68 24.91 -26.72 -11.21
C TYR E 68 25.79 -26.88 -12.39
N THR E 69 25.60 -28.01 -13.07
CA THR E 69 26.31 -28.31 -14.30
C THR E 69 25.43 -29.08 -15.29
N GLU E 70 25.64 -28.87 -16.57
CA GLU E 70 25.08 -29.72 -17.63
C GLU E 70 25.60 -31.16 -17.56
N PHE E 71 24.70 -32.13 -17.62
CA PHE E 71 25.10 -33.54 -17.70
C PHE E 71 24.10 -34.41 -18.48
N THR E 72 24.62 -35.51 -19.01
CA THR E 72 23.82 -36.50 -19.62
C THR E 72 23.95 -37.81 -18.82
N PRO E 73 22.90 -38.15 -18.04
CA PRO E 73 22.96 -39.40 -17.24
C PRO E 73 23.00 -40.66 -18.07
N THR E 74 23.73 -41.68 -17.58
CA THR E 74 23.79 -42.97 -18.25
C THR E 74 23.48 -43.99 -17.20
N GLU E 75 23.36 -45.24 -17.58
CA GLU E 75 23.10 -46.28 -16.57
C GLU E 75 24.26 -46.40 -15.56
N LYS E 76 25.48 -46.31 -16.04
CA LYS E 76 26.61 -46.63 -15.17
C LYS E 76 27.42 -45.48 -14.55
N ASP E 77 27.29 -44.24 -15.07
CA ASP E 77 28.00 -43.11 -14.44
C ASP E 77 27.42 -42.71 -13.11
N GLU E 78 28.31 -42.57 -12.13
CA GLU E 78 27.95 -42.17 -10.77
C GLU E 78 28.28 -40.68 -10.54
N TYR E 79 27.38 -39.94 -9.85
CA TYR E 79 27.56 -38.51 -9.61
C TYR E 79 27.42 -38.24 -8.11
N ALA E 80 28.10 -37.21 -7.62
CA ALA E 80 28.03 -36.79 -6.19
C ALA E 80 28.28 -35.34 -5.99
N CYS E 81 27.93 -34.83 -4.77
CA CYS E 81 28.21 -33.48 -4.42
C CYS E 81 29.11 -33.62 -3.19
N ARG E 82 30.24 -32.90 -3.19
CA ARG E 82 31.21 -32.89 -2.08
C ARG E 82 31.31 -31.48 -1.51
N VAL E 83 31.07 -31.35 -0.20
CA VAL E 83 30.93 -30.04 0.42
C VAL E 83 31.95 -29.91 1.52
N ASN E 84 32.72 -28.82 1.54
CA ASN E 84 33.41 -28.51 2.76
C ASN E 84 33.03 -27.20 3.37
N HIS E 85 33.16 -27.12 4.70
CA HIS E 85 32.68 -25.95 5.45
C HIS E 85 33.31 -26.06 6.84
N VAL E 86 33.38 -24.95 7.57
CA VAL E 86 34.01 -24.98 8.91
CA VAL E 86 33.98 -24.91 8.94
C VAL E 86 33.32 -25.95 9.87
N THR E 87 32.03 -26.20 9.65
CA THR E 87 31.26 -27.12 10.49
C THR E 87 31.54 -28.62 10.27
N LEU E 88 32.16 -29.00 9.16
CA LEU E 88 32.41 -30.41 8.79
C LEU E 88 33.89 -30.76 9.02
N SER E 89 34.13 -31.76 9.82
CA SER E 89 35.50 -32.10 10.13
C SER E 89 36.13 -32.87 8.97
N GLN E 90 35.30 -33.39 8.08
CA GLN E 90 35.75 -33.92 6.78
C GLN E 90 34.83 -33.53 5.67
N PRO E 91 35.28 -33.61 4.39
CA PRO E 91 34.34 -33.23 3.37
C PRO E 91 33.12 -34.15 3.40
N LYS E 92 31.95 -33.59 3.20
CA LYS E 92 30.72 -34.40 3.16
C LYS E 92 30.36 -34.68 1.67
N ILE E 93 30.19 -35.95 1.36
CA ILE E 93 29.95 -36.44 0.03
C ILE E 93 28.54 -37.01 0.00
N VAL E 94 27.71 -36.43 -0.88
CA VAL E 94 26.35 -36.97 -1.02
C VAL E 94 26.22 -37.50 -2.44
N LYS E 95 25.85 -38.78 -2.58
CA LYS E 95 25.80 -39.46 -3.88
C LYS E 95 24.45 -39.10 -4.50
N TRP E 96 24.43 -38.89 -5.80
CA TRP E 96 23.21 -38.60 -6.50
C TRP E 96 22.46 -39.89 -6.61
N ASP E 97 21.20 -39.86 -6.22
CA ASP E 97 20.31 -41.01 -6.42
C ASP E 97 19.16 -40.47 -7.27
N ARG E 98 18.93 -41.02 -8.45
CA ARG E 98 17.96 -40.42 -9.36
C ARG E 98 16.47 -40.36 -8.83
N ASP E 99 16.17 -41.15 -7.79
CA ASP E 99 14.86 -41.08 -7.12
C ASP E 99 14.90 -40.24 -5.81
N MET E 100 15.76 -39.24 -5.76
CA MET E 100 15.90 -38.35 -4.59
C MET E 100 16.24 -36.90 -5.00
N TYR F 1 14.05 -1.96 -7.31
CA TYR F 1 14.56 -0.57 -7.19
C TYR F 1 14.94 -0.38 -5.73
N MET F 2 16.24 -0.16 -5.47
CA MET F 2 16.71 -0.06 -4.08
C MET F 2 16.35 1.20 -3.33
N PHE F 3 16.29 1.07 -2.01
CA PHE F 3 16.21 2.20 -1.10
C PHE F 3 17.53 2.99 -1.28
N PRO F 4 17.46 4.31 -1.32
CA PRO F 4 18.64 5.12 -1.59
C PRO F 4 19.85 4.99 -0.66
N ASN F 5 19.64 4.68 0.64
CA ASN F 5 20.72 4.70 1.64
C ASN F 5 20.97 3.34 2.28
N ALA F 6 22.19 3.12 2.76
CA ALA F 6 22.41 2.21 3.84
C ALA F 6 22.77 3.07 5.05
N PRO F 7 21.89 3.13 6.05
CA PRO F 7 22.23 4.06 7.13
C PRO F 7 23.32 3.44 8.00
N TYR F 8 24.35 4.22 8.34
CA TYR F 8 25.43 3.63 9.14
C TYR F 8 24.96 2.99 10.44
N LEU F 9 25.48 1.79 10.68
CA LEU F 9 25.37 1.20 11.99
C LEU F 9 26.07 1.99 13.13
C1 GOL G . -12.85 16.46 1.48
O1 GOL G . -13.68 15.33 1.53
C2 GOL G . -12.21 16.73 2.82
O2 GOL G . -12.94 17.82 3.33
C3 GOL G . -10.75 17.16 2.62
O3 GOL G . -10.23 17.93 3.71
#